data_7SVF
#
_entry.id   7SVF
#
_cell.length_a   59.323
_cell.length_b   153.548
_cell.length_c   94.098
_cell.angle_alpha   90.000
_cell.angle_beta   105.810
_cell.angle_gamma   90.000
#
_symmetry.space_group_name_H-M   'P 1 21 1'
#
loop_
_entity.id
_entity.type
_entity.pdbx_description
1 polymer 'Choloylglycine hydrolase'
2 non-polymer '2-AMINOETHANESULFONIC ACID'
3 non-polymer 'POTASSIUM ION'
4 water water
#
_entity_poly.entity_id   1
_entity_poly.type   'polypeptide(L)'
_entity_poly.pdbx_seq_one_letter_code
;MCTGLRFTDDQGNLYFGRNLDVGQDYGEGVIITPRNYPLPYKFLDNTTTKKAVIGMGIVVDGYPSYFDCFNEDGLGIAGL
NFPHFAKFSDGPIDGKINLASYEIMLWVTQNFTKVSDVKEALKNVNLVNEAINSSFAVAPLHWIISDKDEAIIVEVSKQY
GMKVFDDKLGVLTNSPDFNWHLTNLGNYTGLDPHDATAQSWNGQKVAPWGVGTGSLGLPGDSIPADRFVKAAYLNVNYPT
VKGEKANVAKFFNILKSVAMIKGSVVNKLGSDEYTVYTACYSAATKTYYCNFENDFELKTYKLDDETMNADKLITYHHHH
HH
;
_entity_poly.pdbx_strand_id   A,B,C,D
#
loop_
_chem_comp.id
_chem_comp.type
_chem_comp.name
_chem_comp.formula
K non-polymer 'POTASSIUM ION' 'K 1'
TAU non-polymer '2-AMINOETHANESULFONIC ACID' 'C2 H7 N O3 S'
#
# COMPACT_ATOMS: atom_id res chain seq x y z
N CYS A 2 18.93 -4.35 8.70
CA CYS A 2 19.93 -4.94 7.82
C CYS A 2 19.30 -5.63 6.63
N THR A 3 20.07 -5.72 5.55
CA THR A 3 19.71 -6.55 4.41
C THR A 3 20.97 -7.22 3.89
N GLY A 4 20.94 -8.55 3.79
CA GLY A 4 21.99 -9.29 3.12
C GLY A 4 21.58 -9.61 1.70
N LEU A 5 22.58 -9.73 0.83
CA LEU A 5 22.33 -9.92 -0.59
C LEU A 5 23.45 -10.77 -1.18
N ARG A 6 23.09 -11.68 -2.10
CA ARG A 6 24.09 -12.44 -2.84
C ARG A 6 23.53 -12.80 -4.21
N PHE A 7 24.43 -12.90 -5.19
CA PHE A 7 24.12 -13.39 -6.52
C PHE A 7 25.47 -13.69 -7.19
N THR A 8 25.40 -14.27 -8.38
CA THR A 8 26.60 -14.55 -9.16
C THR A 8 26.43 -13.99 -10.57
N ASP A 9 27.53 -13.87 -11.30
CA ASP A 9 27.47 -13.63 -12.73
C ASP A 9 27.29 -14.99 -13.41
N ASP A 10 27.40 -15.04 -14.74
CA ASP A 10 27.15 -16.33 -15.38
C ASP A 10 28.36 -17.24 -15.39
N GLN A 11 29.48 -16.80 -14.81
CA GLN A 11 30.65 -17.64 -14.62
C GLN A 11 30.73 -18.22 -13.22
N GLY A 12 29.77 -17.93 -12.34
CA GLY A 12 29.84 -18.41 -10.98
C GLY A 12 30.70 -17.57 -10.07
N ASN A 13 30.94 -16.31 -10.43
CA ASN A 13 31.63 -15.36 -9.56
C ASN A 13 30.64 -14.76 -8.57
N LEU A 14 30.96 -14.89 -7.28
CA LEU A 14 30.03 -14.54 -6.22
C LEU A 14 30.20 -13.09 -5.78
N TYR A 15 29.07 -12.40 -5.62
CA TYR A 15 28.99 -11.09 -4.99
C TYR A 15 28.02 -11.19 -3.83
N PHE A 16 28.49 -10.83 -2.64
CA PHE A 16 27.81 -11.20 -1.40
C PHE A 16 28.15 -10.14 -0.37
N GLY A 17 27.13 -9.56 0.24
CA GLY A 17 27.37 -8.54 1.24
C GLY A 17 26.10 -8.09 1.93
N ARG A 18 26.12 -6.87 2.47
CA ARG A 18 25.03 -6.47 3.34
C ARG A 18 25.03 -4.96 3.58
N ASN A 19 23.84 -4.46 3.90
CA ASN A 19 23.66 -3.20 4.61
C ASN A 19 23.69 -3.48 6.11
N LEU A 20 24.38 -2.63 6.86
CA LEU A 20 24.23 -2.60 8.32
C LEU A 20 23.34 -1.42 8.69
N ASP A 21 22.19 -1.70 9.31
CA ASP A 21 21.22 -0.66 9.66
C ASP A 21 21.19 -0.56 11.18
N VAL A 22 21.71 0.54 11.72
CA VAL A 22 21.79 0.73 13.17
C VAL A 22 21.59 2.21 13.49
N GLY A 23 21.47 2.51 14.78
CA GLY A 23 21.29 3.87 15.22
C GLY A 23 22.56 4.55 15.66
N GLN A 24 23.71 3.90 15.48
CA GLN A 24 24.93 4.25 16.19
C GLN A 24 26.13 3.86 15.32
N ASP A 25 27.17 4.68 15.37
CA ASP A 25 28.47 4.23 14.89
C ASP A 25 29.11 3.40 16.00
N TYR A 26 29.45 2.16 15.69
CA TYR A 26 30.10 1.30 16.68
C TYR A 26 31.62 1.37 16.61
N GLY A 27 32.17 2.20 15.73
CA GLY A 27 33.61 2.24 15.58
C GLY A 27 34.18 1.09 14.79
N GLU A 28 33.33 0.35 14.07
CA GLU A 28 33.78 -0.80 13.31
C GLU A 28 34.59 -0.35 12.11
N GLY A 29 35.36 -1.28 11.55
CA GLY A 29 36.12 -1.03 10.34
C GLY A 29 36.51 -2.35 9.70
N VAL A 30 37.16 -2.25 8.54
CA VAL A 30 37.61 -3.44 7.83
C VAL A 30 38.77 -4.08 8.57
N ILE A 31 38.68 -5.40 8.77
CA ILE A 31 39.74 -6.16 9.41
C ILE A 31 40.07 -7.33 8.50
N ILE A 32 41.35 -7.46 8.15
CA ILE A 32 41.84 -8.69 7.53
C ILE A 32 42.48 -9.53 8.63
N THR A 33 42.01 -10.78 8.78
CA THR A 33 42.63 -11.74 9.68
C THR A 33 43.49 -12.68 8.86
N PRO A 34 44.81 -12.66 9.02
CA PRO A 34 45.68 -13.49 8.18
C PRO A 34 45.64 -14.95 8.59
N ARG A 35 46.21 -15.77 7.72
CA ARG A 35 46.46 -17.17 8.05
C ARG A 35 47.31 -17.29 9.31
N ASN A 36 47.12 -18.40 10.03
CA ASN A 36 47.93 -18.74 11.20
C ASN A 36 47.72 -17.77 12.35
N TYR A 37 46.55 -17.14 12.41
CA TYR A 37 46.30 -16.21 13.51
C TYR A 37 45.67 -16.94 14.68
N PRO A 38 46.03 -16.58 15.91
CA PRO A 38 45.50 -17.30 17.08
C PRO A 38 43.98 -17.25 17.12
N LEU A 39 43.37 -18.40 17.35
CA LEU A 39 41.93 -18.53 17.36
C LEU A 39 41.51 -19.37 18.58
N PRO A 40 41.28 -18.72 19.71
CA PRO A 40 40.72 -19.44 20.86
C PRO A 40 39.22 -19.68 20.71
N TYR A 41 38.73 -20.71 21.41
CA TYR A 41 37.31 -21.04 21.46
C TYR A 41 36.89 -21.25 22.90
N LYS A 42 35.62 -20.97 23.20
CA LYS A 42 35.12 -21.15 24.56
C LYS A 42 34.96 -22.63 24.93
N PHE A 43 34.57 -23.47 23.96
CA PHE A 43 34.32 -24.88 24.21
C PHE A 43 35.15 -25.83 23.36
N LEU A 44 35.49 -25.44 22.13
CA LEU A 44 36.36 -26.29 21.31
C LEU A 44 37.83 -26.07 21.69
N ASP A 45 38.71 -26.91 21.12
CA ASP A 45 40.14 -26.68 21.27
C ASP A 45 40.54 -25.33 20.66
N ASN A 46 41.48 -24.65 21.31
CA ASN A 46 42.09 -23.48 20.69
C ASN A 46 42.91 -23.92 19.49
N THR A 47 43.02 -23.03 18.51
CA THR A 47 43.77 -23.38 17.31
C THR A 47 44.25 -22.08 16.67
N THR A 48 44.54 -22.14 15.37
CA THR A 48 44.89 -20.96 14.60
C THR A 48 43.99 -20.91 13.39
N THR A 49 43.92 -19.75 12.76
CA THR A 49 43.19 -19.69 11.50
C THR A 49 43.99 -20.39 10.42
N LYS A 50 43.28 -21.07 9.53
CA LYS A 50 43.89 -21.67 8.36
C LYS A 50 43.59 -20.94 7.06
N LYS A 51 42.60 -20.03 7.05
CA LYS A 51 42.25 -19.26 5.86
C LYS A 51 42.21 -17.79 6.20
N ALA A 52 42.71 -16.95 5.29
CA ALA A 52 42.55 -15.51 5.46
C ALA A 52 41.09 -15.13 5.29
N VAL A 53 40.61 -14.22 6.14
CA VAL A 53 39.27 -13.66 5.98
C VAL A 53 39.35 -12.13 5.98
N ILE A 54 38.30 -11.53 5.43
CA ILE A 54 38.15 -10.09 5.39
C ILE A 54 36.70 -9.76 5.69
N GLY A 55 36.48 -8.64 6.39
CA GLY A 55 35.13 -8.18 6.61
C GLY A 55 35.13 -6.98 7.52
N MET A 56 33.93 -6.53 7.87
CA MET A 56 33.74 -5.42 8.80
C MET A 56 33.59 -5.97 10.21
N GLY A 57 34.25 -5.32 11.17
CA GLY A 57 34.14 -5.78 12.53
C GLY A 57 34.88 -4.90 13.51
N ILE A 58 35.04 -5.45 14.71
CA ILE A 58 35.65 -4.77 15.85
C ILE A 58 36.58 -5.75 16.53
N VAL A 59 37.77 -5.29 16.91
CA VAL A 59 38.75 -6.13 17.59
C VAL A 59 38.56 -6.00 19.09
N VAL A 60 38.41 -7.14 19.77
CA VAL A 60 38.27 -7.20 21.22
C VAL A 60 39.37 -8.09 21.74
N ASP A 61 40.33 -7.51 22.47
CA ASP A 61 41.44 -8.23 23.06
C ASP A 61 42.09 -9.19 22.07
N GLY A 62 42.41 -8.67 20.88
CA GLY A 62 43.04 -9.46 19.85
C GLY A 62 42.10 -10.30 19.01
N TYR A 63 40.85 -10.47 19.44
CA TYR A 63 39.90 -11.31 18.71
C TYR A 63 39.08 -10.45 17.75
N PRO A 64 39.10 -10.72 16.44
CA PRO A 64 38.28 -9.93 15.51
C PRO A 64 36.83 -10.41 15.52
N SER A 65 35.93 -9.54 16.00
CA SER A 65 34.50 -9.83 16.08
C SER A 65 33.83 -9.22 14.85
N TYR A 66 33.36 -10.07 13.94
CA TYR A 66 32.92 -9.65 12.62
C TYR A 66 31.41 -9.48 12.56
N PHE A 67 30.97 -8.36 11.94
CA PHE A 67 29.60 -8.22 11.46
C PHE A 67 29.37 -9.08 10.24
N ASP A 68 30.38 -9.18 9.38
CA ASP A 68 30.36 -10.03 8.20
C ASP A 68 31.81 -10.39 7.88
N CYS A 69 32.01 -11.58 7.33
CA CYS A 69 33.37 -11.88 6.90
C CYS A 69 33.37 -13.01 5.88
N PHE A 70 34.44 -13.02 5.10
CA PHE A 70 34.51 -13.73 3.84
C PHE A 70 35.91 -14.32 3.73
N ASN A 71 36.00 -15.63 3.49
CA ASN A 71 37.30 -16.26 3.43
C ASN A 71 37.83 -16.25 2.00
N GLU A 72 39.13 -16.54 1.90
CA GLU A 72 39.86 -16.47 0.64
C GLU A 72 39.37 -17.48 -0.38
N ASP A 73 38.62 -18.50 0.06
CA ASP A 73 38.08 -19.52 -0.82
C ASP A 73 36.66 -19.20 -1.28
N GLY A 74 36.19 -17.97 -1.08
CA GLY A 74 34.92 -17.56 -1.65
C GLY A 74 33.69 -17.96 -0.86
N LEU A 75 33.81 -18.25 0.42
CA LEU A 75 32.66 -18.53 1.27
C LEU A 75 32.59 -17.47 2.37
N GLY A 76 31.39 -16.96 2.61
CA GLY A 76 31.21 -15.89 3.58
C GLY A 76 29.96 -16.05 4.41
N ILE A 77 29.86 -15.18 5.41
CA ILE A 77 28.78 -15.19 6.39
C ILE A 77 28.55 -13.76 6.86
N ALA A 78 27.29 -13.42 7.13
CA ALA A 78 26.92 -12.13 7.71
C ALA A 78 25.92 -12.33 8.83
N GLY A 79 26.14 -11.67 9.96
CA GLY A 79 25.19 -11.69 11.07
C GLY A 79 24.26 -10.49 11.02
N LEU A 80 22.96 -10.76 11.04
CA LEU A 80 21.94 -9.71 10.97
C LEU A 80 21.06 -9.76 12.21
N ASN A 81 20.51 -8.60 12.57
CA ASN A 81 19.68 -8.51 13.76
C ASN A 81 18.44 -9.40 13.61
N PHE A 82 18.07 -10.09 14.71
CA PHE A 82 16.95 -11.04 14.74
C PHE A 82 16.22 -10.88 16.07
N PRO A 83 15.78 -9.67 16.38
CA PRO A 83 15.20 -9.41 17.71
C PRO A 83 13.85 -10.09 17.88
N HIS A 84 13.48 -10.33 19.14
CA HIS A 84 12.24 -10.99 19.52
C HIS A 84 12.19 -12.44 19.08
N PHE A 85 13.29 -12.97 18.52
CA PHE A 85 13.34 -14.36 18.06
C PHE A 85 14.60 -15.08 18.55
N ALA A 86 15.77 -14.54 18.21
CA ALA A 86 17.03 -15.22 18.51
C ALA A 86 17.10 -15.61 19.98
N LYS A 87 17.50 -16.84 20.23
CA LYS A 87 17.73 -17.29 21.61
C LYS A 87 18.62 -18.53 21.54
N PHE A 88 19.72 -18.49 22.27
CA PHE A 88 20.69 -19.56 22.23
C PHE A 88 20.67 -20.35 23.55
N SER A 89 21.41 -21.45 23.58
CA SER A 89 21.37 -22.35 24.74
C SER A 89 21.97 -21.72 26.00
N ASP A 90 21.46 -22.15 27.16
CA ASP A 90 22.02 -21.66 28.42
C ASP A 90 23.46 -22.14 28.63
N GLY A 91 23.83 -23.26 28.04
CA GLY A 91 25.18 -23.77 28.19
C GLY A 91 25.54 -24.79 27.13
N PRO A 92 26.74 -25.33 27.19
CA PRO A 92 27.14 -26.33 26.20
C PRO A 92 26.38 -27.64 26.41
N ILE A 93 26.33 -28.44 25.35
CA ILE A 93 25.63 -29.72 25.37
C ILE A 93 26.61 -30.80 24.96
N ASP A 94 26.78 -31.82 25.82
CA ASP A 94 27.78 -32.84 25.56
C ASP A 94 27.49 -33.56 24.25
N GLY A 95 28.55 -33.80 23.47
CA GLY A 95 28.40 -34.43 22.18
C GLY A 95 28.14 -33.47 21.04
N LYS A 96 27.78 -32.23 21.33
CA LYS A 96 27.58 -31.22 20.30
C LYS A 96 28.89 -30.46 20.02
N ILE A 97 28.95 -29.87 18.83
CA ILE A 97 29.94 -28.82 18.57
C ILE A 97 29.39 -27.56 19.22
N ASN A 98 29.96 -27.17 20.37
CA ASN A 98 29.42 -26.04 21.13
C ASN A 98 30.13 -24.76 20.73
N LEU A 99 29.35 -23.77 20.28
CA LEU A 99 29.86 -22.47 19.86
C LEU A 99 29.12 -21.39 20.62
N ALA A 100 29.86 -20.54 21.32
CA ALA A 100 29.27 -19.25 21.71
C ALA A 100 28.85 -18.56 20.42
N SER A 101 27.68 -17.90 20.44
CA SER A 101 27.08 -17.49 19.17
C SER A 101 28.03 -16.63 18.34
N TYR A 102 28.82 -15.77 18.99
CA TYR A 102 29.74 -14.94 18.22
C TYR A 102 30.82 -15.76 17.51
N GLU A 103 31.09 -16.98 17.97
CA GLU A 103 32.15 -17.78 17.35
C GLU A 103 31.75 -18.34 15.99
N ILE A 104 30.45 -18.31 15.65
CA ILE A 104 30.03 -18.91 14.39
C ILE A 104 30.70 -18.22 13.21
N MET A 105 31.03 -16.92 13.34
CA MET A 105 31.58 -16.20 12.19
C MET A 105 32.91 -16.82 11.74
N LEU A 106 33.84 -16.99 12.66
CA LEU A 106 35.12 -17.58 12.28
C LEU A 106 35.04 -19.10 12.18
N TRP A 107 34.16 -19.76 12.95
CA TRP A 107 34.08 -21.21 12.81
C TRP A 107 33.63 -21.60 11.40
N VAL A 108 32.69 -20.83 10.83
CA VAL A 108 32.22 -21.11 9.48
C VAL A 108 33.29 -20.79 8.46
N THR A 109 33.88 -19.58 8.53
CA THR A 109 34.81 -19.17 7.48
C THR A 109 36.14 -19.91 7.56
N GLN A 110 36.51 -20.44 8.74
CA GLN A 110 37.80 -21.12 8.85
C GLN A 110 37.74 -22.57 8.41
N ASN A 111 36.58 -23.20 8.51
CA ASN A 111 36.51 -24.66 8.41
C ASN A 111 35.77 -25.16 7.18
N PHE A 112 35.29 -24.27 6.31
CA PHE A 112 34.49 -24.69 5.18
C PHE A 112 34.78 -23.83 3.96
N THR A 113 34.70 -24.47 2.80
CA THR A 113 34.64 -23.78 1.52
C THR A 113 33.33 -24.04 0.79
N LYS A 114 32.53 -24.99 1.25
CA LYS A 114 31.30 -25.38 0.57
C LYS A 114 30.14 -25.30 1.55
N VAL A 115 29.06 -24.63 1.13
CA VAL A 115 27.87 -24.51 1.95
C VAL A 115 27.21 -25.86 2.21
N SER A 116 27.35 -26.81 1.27
CA SER A 116 26.81 -28.14 1.53
C SER A 116 27.52 -28.82 2.71
N ASP A 117 28.81 -28.53 2.88
CA ASP A 117 29.51 -29.04 4.06
C ASP A 117 29.02 -28.35 5.33
N VAL A 118 28.81 -27.02 5.26
CA VAL A 118 28.31 -26.28 6.42
C VAL A 118 26.98 -26.86 6.89
N LYS A 119 26.05 -27.06 5.95
CA LYS A 119 24.72 -27.53 6.33
C LYS A 119 24.81 -28.88 7.02
N GLU A 120 25.73 -29.74 6.57
CA GLU A 120 25.87 -31.05 7.19
C GLU A 120 26.38 -30.92 8.63
N ALA A 121 27.40 -30.06 8.84
CA ALA A 121 28.01 -29.94 10.15
C ALA A 121 27.11 -29.23 11.14
N LEU A 122 26.27 -28.31 10.68
CA LEU A 122 25.34 -27.61 11.56
C LEU A 122 24.34 -28.53 12.22
N LYS A 123 24.13 -29.73 11.66
CA LYS A 123 23.26 -30.71 12.31
C LYS A 123 23.74 -31.09 13.70
N ASN A 124 25.03 -30.93 14.00
CA ASN A 124 25.54 -31.23 15.33
C ASN A 124 26.11 -29.99 16.03
N VAL A 125 25.67 -28.78 15.64
CA VAL A 125 26.16 -27.54 16.24
C VAL A 125 25.16 -27.07 17.28
N ASN A 126 25.67 -26.59 18.41
CA ASN A 126 24.85 -25.98 19.45
C ASN A 126 25.40 -24.59 19.74
N LEU A 127 24.59 -23.57 19.51
CA LEU A 127 24.97 -22.19 19.80
C LEU A 127 24.64 -21.86 21.25
N VAL A 128 25.55 -21.18 21.92
CA VAL A 128 25.48 -20.95 23.35
C VAL A 128 25.35 -19.46 23.62
N ASN A 129 24.51 -19.12 24.60
CA ASN A 129 24.22 -17.74 24.99
C ASN A 129 25.36 -17.21 25.86
N GLU A 130 26.47 -16.86 25.21
CA GLU A 130 27.64 -16.38 25.91
C GLU A 130 28.40 -15.40 25.03
N ALA A 131 28.85 -14.28 25.62
CA ALA A 131 29.61 -13.27 24.89
C ALA A 131 31.12 -13.50 25.05
N ILE A 132 31.92 -12.73 24.29
CA ILE A 132 33.37 -12.94 24.34
C ILE A 132 33.87 -12.75 25.76
N ASN A 133 33.26 -11.82 26.50
CA ASN A 133 33.44 -11.73 27.94
C ASN A 133 32.23 -11.00 28.50
N SER A 134 32.10 -11.02 29.83
CA SER A 134 30.92 -10.46 30.47
C SER A 134 30.79 -8.96 30.32
N SER A 135 31.78 -8.29 29.72
CA SER A 135 31.65 -6.87 29.47
C SER A 135 30.87 -6.57 28.20
N PHE A 136 30.31 -7.58 27.54
CA PHE A 136 29.60 -7.37 26.28
C PHE A 136 28.28 -8.12 26.31
N ALA A 137 27.27 -7.56 25.67
CA ALA A 137 26.00 -8.25 25.51
C ALA A 137 26.11 -9.32 24.42
N VAL A 138 25.24 -10.32 24.50
CA VAL A 138 25.07 -11.26 23.40
C VAL A 138 24.06 -10.67 22.43
N ALA A 139 24.47 -10.52 21.17
CA ALA A 139 23.58 -9.94 20.16
C ALA A 139 22.56 -10.97 19.67
N PRO A 140 21.29 -10.58 19.50
CA PRO A 140 20.29 -11.54 19.02
C PRO A 140 20.31 -11.65 17.50
N LEU A 141 21.13 -12.54 16.94
CA LEU A 141 21.43 -12.54 15.52
C LEU A 141 20.83 -13.75 14.80
N HIS A 142 20.68 -13.62 13.49
CA HIS A 142 20.59 -14.76 12.58
C HIS A 142 21.55 -14.51 11.44
N TRP A 143 21.86 -15.55 10.67
CA TRP A 143 22.97 -15.48 9.73
C TRP A 143 22.54 -15.90 8.33
N ILE A 144 23.15 -15.28 7.33
CA ILE A 144 23.12 -15.78 5.97
C ILE A 144 24.55 -16.19 5.62
N ILE A 145 24.68 -17.36 5.01
CA ILE A 145 25.96 -17.98 4.66
C ILE A 145 25.90 -18.31 3.19
N SER A 146 26.97 -18.02 2.46
CA SER A 146 26.86 -18.30 1.03
C SER A 146 28.22 -18.64 0.43
N ASP A 147 28.17 -19.53 -0.55
CA ASP A 147 29.23 -19.70 -1.52
C ASP A 147 28.63 -19.39 -2.89
N LYS A 148 29.39 -19.71 -3.95
CA LYS A 148 28.93 -19.41 -5.30
C LYS A 148 27.72 -20.25 -5.71
N ASP A 149 27.47 -21.38 -5.06
CA ASP A 149 26.43 -22.33 -5.45
C ASP A 149 25.12 -22.13 -4.69
N GLU A 150 25.17 -21.84 -3.39
CA GLU A 150 23.92 -21.69 -2.65
C GLU A 150 24.15 -20.80 -1.43
N ALA A 151 23.06 -20.19 -0.99
CA ALA A 151 23.00 -19.50 0.29
C ALA A 151 22.05 -20.24 1.21
N ILE A 152 22.39 -20.25 2.50
CA ILE A 152 21.52 -20.82 3.53
C ILE A 152 21.33 -19.77 4.61
N ILE A 153 20.22 -19.90 5.32
CA ILE A 153 19.91 -19.06 6.48
C ILE A 153 19.95 -19.95 7.72
N VAL A 154 20.63 -19.47 8.76
CA VAL A 154 20.67 -20.15 10.05
C VAL A 154 19.92 -19.29 11.05
N GLU A 155 18.92 -19.86 11.70
CA GLU A 155 18.14 -19.17 12.71
C GLU A 155 17.97 -20.08 13.92
N VAL A 156 18.28 -19.56 15.10
CA VAL A 156 18.08 -20.28 16.35
C VAL A 156 17.17 -19.43 17.21
N SER A 157 15.93 -19.88 17.41
CA SER A 157 14.91 -19.07 18.03
C SER A 157 14.31 -19.78 19.24
N LYS A 158 13.76 -18.99 20.16
CA LYS A 158 12.94 -19.59 21.21
C LYS A 158 11.72 -20.26 20.61
N GLN A 159 11.14 -19.68 19.53
CA GLN A 159 9.93 -20.26 18.96
C GLN A 159 10.18 -21.63 18.35
N TYR A 160 11.28 -21.80 17.59
CA TYR A 160 11.43 -22.99 16.75
C TYR A 160 12.76 -23.71 16.90
N GLY A 161 13.60 -23.34 17.86
CA GLY A 161 14.90 -23.99 17.89
C GLY A 161 15.74 -23.63 16.67
N MET A 162 16.65 -24.54 16.32
CA MET A 162 17.61 -24.30 15.24
C MET A 162 16.99 -24.73 13.92
N LYS A 163 16.93 -23.81 12.97
CA LYS A 163 16.46 -24.09 11.61
C LYS A 163 17.51 -23.61 10.61
N VAL A 164 17.68 -24.38 9.54
CA VAL A 164 18.56 -24.05 8.43
C VAL A 164 17.75 -24.12 7.15
N PHE A 165 17.73 -23.04 6.37
CA PHE A 165 16.91 -22.94 5.17
C PHE A 165 17.79 -22.70 3.95
N ASP A 166 17.43 -23.31 2.82
CA ASP A 166 18.00 -22.91 1.55
C ASP A 166 17.41 -21.55 1.14
N ASP A 167 18.26 -20.61 0.72
CA ASP A 167 17.79 -19.26 0.41
C ASP A 167 18.00 -18.98 -1.08
N LYS A 168 17.05 -19.44 -1.90
CA LYS A 168 17.18 -19.22 -3.34
C LYS A 168 16.91 -17.77 -3.73
N LEU A 169 16.30 -16.98 -2.82
CA LEU A 169 16.07 -15.57 -3.11
C LEU A 169 17.35 -14.74 -2.98
N GLY A 170 18.35 -15.27 -2.29
CA GLY A 170 19.60 -14.56 -2.12
C GLY A 170 19.53 -13.39 -1.17
N VAL A 171 18.51 -13.30 -0.31
CA VAL A 171 18.36 -12.14 0.55
C VAL A 171 17.96 -12.56 1.97
N LEU A 172 18.18 -11.62 2.89
CA LEU A 172 17.75 -11.78 4.27
C LEU A 172 17.62 -10.38 4.86
N THR A 173 16.62 -10.19 5.70
CA THR A 173 16.53 -8.93 6.44
C THR A 173 16.50 -9.25 7.93
N ASN A 174 15.45 -8.82 8.61
CA ASN A 174 15.35 -9.03 10.05
C ASN A 174 14.08 -9.79 10.40
N SER A 175 13.53 -9.55 11.60
CA SER A 175 12.46 -10.40 12.10
C SER A 175 11.15 -10.10 11.36
N PRO A 176 10.23 -11.09 11.29
CA PRO A 176 10.26 -12.43 11.90
C PRO A 176 11.10 -13.47 11.15
N ASP A 177 10.81 -14.74 11.41
CA ASP A 177 11.66 -15.84 10.96
C ASP A 177 11.58 -16.01 9.46
N PHE A 178 12.51 -16.78 8.90
CA PHE A 178 12.67 -16.84 7.45
C PHE A 178 11.46 -17.46 6.76
N ASN A 179 10.89 -18.52 7.33
CA ASN A 179 9.71 -19.13 6.73
C ASN A 179 8.52 -18.17 6.73
N TRP A 180 8.39 -17.34 7.77
CA TRP A 180 7.34 -16.33 7.73
C TRP A 180 7.50 -15.44 6.51
N HIS A 181 8.72 -14.97 6.24
CA HIS A 181 8.95 -14.09 5.08
C HIS A 181 8.71 -14.82 3.76
N LEU A 182 9.18 -16.06 3.66
CA LEU A 182 8.94 -16.86 2.45
C LEU A 182 7.44 -16.97 2.20
N THR A 183 6.68 -17.25 3.24
CA THR A 183 5.23 -17.36 3.11
C THR A 183 4.63 -16.03 2.66
N ASN A 184 5.20 -14.92 3.14
CA ASN A 184 4.67 -13.61 2.82
C ASN A 184 4.78 -13.30 1.33
N LEU A 185 5.79 -13.84 0.65
CA LEU A 185 5.98 -13.55 -0.77
C LEU A 185 4.78 -13.95 -1.60
N GLY A 186 4.07 -15.01 -1.22
CA GLY A 186 2.85 -15.38 -1.94
C GLY A 186 1.80 -14.30 -1.97
N ASN A 187 1.80 -13.38 -1.00
CA ASN A 187 0.84 -12.28 -1.02
C ASN A 187 1.23 -11.18 -2.00
N TYR A 188 2.41 -11.24 -2.61
CA TYR A 188 2.88 -10.22 -3.54
C TYR A 188 3.04 -10.78 -4.94
N THR A 189 2.40 -11.91 -5.23
CA THR A 189 2.47 -12.45 -6.58
C THR A 189 1.82 -11.52 -7.60
N GLY A 190 1.02 -10.54 -7.15
CA GLY A 190 0.50 -9.51 -8.05
C GLY A 190 1.56 -8.61 -8.66
N LEU A 191 2.76 -8.56 -8.07
CA LEU A 191 3.84 -7.72 -8.59
C LEU A 191 4.26 -8.18 -9.99
N ASP A 192 4.46 -7.22 -10.89
CA ASP A 192 4.85 -7.57 -12.26
C ASP A 192 5.80 -6.52 -12.81
N PRO A 193 7.00 -6.87 -13.25
CA PRO A 193 7.90 -5.84 -13.82
C PRO A 193 7.33 -5.16 -15.06
N HIS A 194 6.39 -5.82 -15.76
CA HIS A 194 5.85 -5.29 -17.01
C HIS A 194 4.82 -4.20 -16.72
N ASP A 195 4.95 -3.06 -17.41
CA ASP A 195 4.01 -1.96 -17.24
C ASP A 195 2.60 -2.39 -17.60
N ALA A 196 1.63 -1.84 -16.88
CA ALA A 196 0.24 -1.87 -17.35
C ALA A 196 0.11 -1.02 -18.61
N THR A 197 -1.05 -1.10 -19.25
CA THR A 197 -1.31 -0.28 -20.43
C THR A 197 -2.71 0.34 -20.33
N ALA A 198 -3.06 1.16 -21.32
CA ALA A 198 -4.27 1.96 -21.24
C ALA A 198 -5.51 1.08 -21.11
N GLN A 199 -6.42 1.49 -20.23
CA GLN A 199 -7.62 0.73 -19.93
C GLN A 199 -8.85 1.59 -20.18
N SER A 200 -9.99 0.93 -20.28
CA SER A 200 -11.28 1.61 -20.41
C SER A 200 -12.11 1.25 -19.19
N TRP A 201 -12.33 2.23 -18.31
CA TRP A 201 -13.17 2.03 -17.14
C TRP A 201 -14.53 2.61 -17.50
N ASN A 202 -15.41 1.74 -18.01
CA ASN A 202 -16.72 2.15 -18.53
C ASN A 202 -16.60 3.37 -19.45
N GLY A 203 -15.64 3.33 -20.36
CA GLY A 203 -15.48 4.38 -21.32
C GLY A 203 -14.54 5.50 -20.90
N GLN A 204 -14.20 5.59 -19.62
CA GLN A 204 -13.20 6.56 -19.18
C GLN A 204 -11.81 5.98 -19.43
N LYS A 205 -11.01 6.69 -20.21
CA LYS A 205 -9.64 6.25 -20.43
C LYS A 205 -8.86 6.36 -19.13
N VAL A 206 -8.25 5.25 -18.72
CA VAL A 206 -7.41 5.19 -17.54
C VAL A 206 -6.09 4.59 -18.01
N ALA A 207 -5.03 5.38 -17.98
CA ALA A 207 -3.77 4.95 -18.56
C ALA A 207 -2.62 5.42 -17.69
N PRO A 208 -1.50 4.69 -17.73
CA PRO A 208 -0.34 5.08 -16.92
C PRO A 208 0.19 6.44 -17.35
N TRP A 209 0.66 7.21 -16.36
CA TRP A 209 1.33 8.47 -16.61
C TRP A 209 2.82 8.31 -16.83
N GLY A 210 3.40 7.23 -16.32
CA GLY A 210 4.80 6.94 -16.55
C GLY A 210 5.02 5.45 -16.36
N VAL A 211 6.28 5.02 -16.50
CA VAL A 211 6.60 3.60 -16.36
C VAL A 211 6.57 3.22 -14.88
N GLY A 212 6.44 1.92 -14.62
CA GLY A 212 6.49 1.38 -13.26
C GLY A 212 5.18 0.84 -12.72
N THR A 213 4.07 0.93 -13.49
CA THR A 213 2.76 0.65 -12.93
C THR A 213 2.54 -0.82 -12.58
N GLY A 214 3.31 -1.74 -13.15
CA GLY A 214 3.13 -3.15 -12.82
C GLY A 214 3.49 -3.52 -11.39
N SER A 215 4.37 -2.75 -10.76
CA SER A 215 4.80 -3.03 -9.38
C SER A 215 3.97 -2.28 -8.34
N LEU A 216 2.75 -1.86 -8.71
CA LEU A 216 1.81 -1.31 -7.75
C LEU A 216 1.76 -2.18 -6.49
N GLY A 217 1.87 -1.53 -5.32
CA GLY A 217 1.87 -2.27 -4.07
C GLY A 217 3.23 -2.69 -3.55
N LEU A 218 4.31 -2.44 -4.29
CA LEU A 218 5.64 -2.76 -3.76
C LEU A 218 5.93 -1.82 -2.59
N PRO A 219 6.21 -2.34 -1.39
CA PRO A 219 6.42 -1.44 -0.25
C PRO A 219 7.79 -0.77 -0.28
N GLY A 220 7.82 0.47 0.23
CA GLY A 220 9.02 1.27 0.18
C GLY A 220 9.56 1.68 1.54
N ASP A 221 8.87 1.26 2.59
CA ASP A 221 9.30 1.53 3.95
C ASP A 221 10.35 0.50 4.39
N SER A 222 10.90 0.69 5.59
CA SER A 222 12.01 -0.10 6.11
C SER A 222 11.59 -1.19 7.08
N ILE A 223 10.29 -1.42 7.28
CA ILE A 223 9.85 -2.56 8.08
C ILE A 223 10.58 -3.79 7.53
N PRO A 224 11.08 -4.70 8.37
CA PRO A 224 11.88 -5.81 7.81
C PRO A 224 11.13 -6.63 6.77
N ALA A 225 9.84 -6.93 6.99
CA ALA A 225 9.11 -7.74 6.03
C ALA A 225 9.02 -7.05 4.67
N ASP A 226 8.90 -5.72 4.67
CA ASP A 226 8.78 -4.97 3.42
C ASP A 226 10.11 -4.91 2.67
N ARG A 227 11.21 -4.66 3.38
CA ARG A 227 12.51 -4.73 2.73
C ARG A 227 12.80 -6.12 2.20
N PHE A 228 12.32 -7.17 2.88
CA PHE A 228 12.51 -8.53 2.38
C PHE A 228 11.82 -8.71 1.03
N VAL A 229 10.55 -8.28 0.92
CA VAL A 229 9.83 -8.44 -0.33
C VAL A 229 10.52 -7.66 -1.45
N LYS A 230 10.89 -6.41 -1.18
CA LYS A 230 11.48 -5.62 -2.25
C LYS A 230 12.88 -6.14 -2.64
N ALA A 231 13.72 -6.46 -1.64
CA ALA A 231 15.04 -6.99 -1.96
C ALA A 231 14.93 -8.27 -2.79
N ALA A 232 14.06 -9.18 -2.39
CA ALA A 232 13.89 -10.42 -3.15
C ALA A 232 13.38 -10.13 -4.55
N TYR A 233 12.36 -9.29 -4.66
CA TYR A 233 11.82 -8.93 -5.97
C TYR A 233 12.90 -8.35 -6.87
N LEU A 234 13.68 -7.41 -6.35
CA LEU A 234 14.74 -6.81 -7.17
C LEU A 234 15.79 -7.83 -7.56
N ASN A 235 16.20 -8.68 -6.61
CA ASN A 235 17.32 -9.58 -6.90
C ASN A 235 16.97 -10.58 -8.00
N VAL A 236 15.78 -11.19 -7.91
CA VAL A 236 15.47 -12.25 -8.87
C VAL A 236 15.19 -11.67 -10.25
N ASN A 237 14.71 -10.42 -10.32
CA ASN A 237 14.46 -9.78 -11.60
C ASN A 237 15.64 -8.98 -12.16
N TYR A 238 16.65 -8.67 -11.36
CA TYR A 238 17.85 -8.02 -11.92
C TYR A 238 18.56 -8.98 -12.87
N PRO A 239 18.86 -8.58 -14.11
CA PRO A 239 19.51 -9.51 -15.03
C PRO A 239 20.94 -9.82 -14.60
N THR A 240 21.46 -10.93 -15.13
CA THR A 240 22.88 -11.25 -14.95
C THR A 240 23.72 -10.27 -15.76
N VAL A 241 24.77 -9.71 -15.14
CA VAL A 241 25.63 -8.74 -15.79
C VAL A 241 27.04 -9.28 -15.88
N LYS A 242 27.84 -8.67 -16.76
CA LYS A 242 29.14 -9.17 -17.15
C LYS A 242 30.26 -8.30 -16.55
N GLY A 243 31.16 -8.94 -15.80
CA GLY A 243 32.39 -8.30 -15.36
C GLY A 243 32.29 -7.71 -13.97
N GLU A 244 33.48 -7.40 -13.42
CA GLU A 244 33.59 -7.02 -12.01
C GLU A 244 32.88 -5.69 -11.73
N LYS A 245 33.14 -4.67 -12.56
CA LYS A 245 32.56 -3.37 -12.29
C LYS A 245 31.03 -3.41 -12.35
N ALA A 246 30.48 -4.04 -13.40
CA ALA A 246 29.03 -4.09 -13.53
C ALA A 246 28.38 -4.85 -12.40
N ASN A 247 29.00 -5.94 -11.94
CA ASN A 247 28.38 -6.75 -10.89
C ASN A 247 28.46 -6.04 -9.55
N VAL A 248 29.59 -5.38 -9.27
CA VAL A 248 29.68 -4.59 -8.04
C VAL A 248 28.63 -3.50 -8.05
N ALA A 249 28.45 -2.84 -9.19
CA ALA A 249 27.47 -1.76 -9.29
C ALA A 249 26.05 -2.30 -9.13
N LYS A 250 25.74 -3.41 -9.80
CA LYS A 250 24.44 -4.05 -9.62
C LYS A 250 24.19 -4.33 -8.14
N PHE A 251 25.22 -4.80 -7.43
CA PHE A 251 25.06 -5.11 -6.01
C PHE A 251 24.67 -3.86 -5.22
N PHE A 252 25.41 -2.77 -5.41
CA PHE A 252 25.14 -1.53 -4.69
C PHE A 252 23.84 -0.88 -5.17
N ASN A 253 23.52 -0.99 -6.46
CA ASN A 253 22.21 -0.51 -6.92
C ASN A 253 21.08 -1.14 -6.10
N ILE A 254 21.14 -2.45 -5.88
CA ILE A 254 20.06 -3.14 -5.17
C ILE A 254 20.04 -2.75 -3.70
N LEU A 255 21.21 -2.82 -3.03
CA LEU A 255 21.20 -2.59 -1.59
C LEU A 255 20.95 -1.12 -1.26
N LYS A 256 21.35 -0.19 -2.14
CA LYS A 256 21.05 1.21 -1.86
C LYS A 256 19.57 1.52 -2.11
N SER A 257 18.93 0.75 -2.99
CA SER A 257 17.49 0.90 -3.19
C SER A 257 16.71 0.56 -1.92
N VAL A 258 17.17 -0.43 -1.15
CA VAL A 258 16.48 -0.86 0.06
C VAL A 258 17.18 -0.35 1.33
N ALA A 259 18.07 0.63 1.20
CA ALA A 259 18.73 1.13 2.39
C ALA A 259 17.74 1.86 3.29
N MET A 260 18.08 1.93 4.56
CA MET A 260 17.33 2.68 5.56
C MET A 260 17.88 4.10 5.58
N ILE A 261 17.06 5.07 5.18
CA ILE A 261 17.54 6.43 4.89
C ILE A 261 17.47 7.27 6.15
N LYS A 262 18.57 7.94 6.49
CA LYS A 262 18.66 8.64 7.76
C LYS A 262 17.60 9.74 7.85
N GLY A 263 16.96 9.81 9.02
CA GLY A 263 15.86 10.71 9.26
C GLY A 263 14.50 10.11 8.98
N SER A 264 14.43 9.08 8.14
CA SER A 264 13.14 8.50 7.80
C SER A 264 12.67 7.46 8.81
N VAL A 265 13.53 7.05 9.74
CA VAL A 265 13.21 6.04 10.76
C VAL A 265 13.72 6.53 12.11
N VAL A 266 12.83 6.73 13.07
CA VAL A 266 13.22 7.09 14.43
C VAL A 266 12.69 6.00 15.37
N ASN A 267 13.57 5.37 16.13
CA ASN A 267 13.12 4.28 16.97
C ASN A 267 12.42 4.83 18.22
N LYS A 268 11.85 3.91 19.02
CA LYS A 268 11.03 4.32 20.16
C LYS A 268 11.82 5.01 21.24
N LEU A 269 13.15 4.96 21.19
CA LEU A 269 13.98 5.70 22.12
C LEU A 269 14.42 7.05 21.57
N GLY A 270 14.00 7.41 20.37
CA GLY A 270 14.29 8.71 19.80
C GLY A 270 15.51 8.78 18.93
N SER A 271 16.11 7.65 18.61
CA SER A 271 17.34 7.61 17.83
C SER A 271 17.04 7.26 16.37
N ASP A 272 17.68 7.99 15.45
CA ASP A 272 17.66 7.63 14.04
C ASP A 272 18.29 6.26 13.83
N GLU A 273 17.64 5.43 13.01
CA GLU A 273 18.21 4.19 12.49
C GLU A 273 18.36 4.32 10.97
N TYR A 274 19.49 3.90 10.44
CA TYR A 274 19.77 4.07 9.02
C TYR A 274 20.92 3.15 8.64
N THR A 275 21.10 3.00 7.32
CA THR A 275 22.19 2.20 6.78
C THR A 275 23.52 2.94 6.97
N VAL A 276 24.35 2.45 7.90
CA VAL A 276 25.62 3.14 8.17
C VAL A 276 26.68 2.74 7.15
N TYR A 277 26.65 1.50 6.65
CA TYR A 277 27.53 1.13 5.55
C TYR A 277 26.86 0.06 4.68
N THR A 278 27.34 -0.03 3.45
CA THR A 278 26.99 -1.09 2.51
C THR A 278 28.31 -1.71 2.05
N ALA A 279 28.39 -3.04 2.06
CA ALA A 279 29.61 -3.72 1.70
C ALA A 279 29.33 -4.88 0.76
N CYS A 280 30.28 -5.12 -0.15
CA CYS A 280 30.20 -6.17 -1.15
C CYS A 280 31.55 -6.88 -1.22
N TYR A 281 31.55 -8.20 -1.04
CA TYR A 281 32.73 -9.03 -1.24
C TYR A 281 32.64 -9.68 -2.62
N SER A 282 33.63 -9.43 -3.46
CA SER A 282 33.77 -10.13 -4.73
C SER A 282 34.74 -11.29 -4.53
N ALA A 283 34.21 -12.51 -4.61
CA ALA A 283 35.07 -13.68 -4.45
C ALA A 283 36.15 -13.73 -5.53
N ALA A 284 35.77 -13.36 -6.77
CA ALA A 284 36.70 -13.51 -7.89
C ALA A 284 37.95 -12.66 -7.71
N THR A 285 37.82 -11.48 -7.12
CA THR A 285 38.96 -10.57 -6.93
C THR A 285 39.39 -10.51 -5.47
N LYS A 286 38.80 -11.33 -4.62
CA LYS A 286 39.06 -11.31 -3.17
C LYS A 286 39.02 -9.89 -2.63
N THR A 287 38.09 -9.08 -3.14
CA THR A 287 38.02 -7.67 -2.80
C THR A 287 36.76 -7.36 -2.00
N TYR A 288 36.95 -6.63 -0.90
CA TYR A 288 35.86 -6.13 -0.07
C TYR A 288 35.64 -4.67 -0.42
N TYR A 289 34.46 -4.36 -0.96
CA TYR A 289 34.05 -2.99 -1.29
C TYR A 289 33.06 -2.47 -0.26
N CYS A 290 33.22 -1.20 0.14
CA CYS A 290 32.23 -0.62 1.02
C CYS A 290 32.12 0.89 0.78
N ASN A 291 30.97 1.44 1.17
CA ASN A 291 30.83 2.88 1.37
C ASN A 291 29.96 3.10 2.61
N PHE A 292 29.81 4.36 2.99
CA PHE A 292 29.26 4.70 4.30
C PHE A 292 28.23 5.80 4.14
N GLU A 293 27.41 5.98 5.19
CA GLU A 293 26.32 6.96 5.10
C GLU A 293 26.84 8.36 4.82
N ASN A 294 28.04 8.68 5.33
CA ASN A 294 28.61 10.02 5.22
C ASN A 294 29.79 10.08 4.26
N ASP A 295 30.03 9.04 3.46
CA ASP A 295 31.13 9.05 2.50
C ASP A 295 30.82 8.00 1.44
N PHE A 296 30.34 8.46 0.29
CA PHE A 296 29.75 7.58 -0.72
C PHE A 296 30.79 6.92 -1.62
N GLU A 297 32.02 7.42 -1.67
CA GLU A 297 33.03 6.84 -2.53
C GLU A 297 33.31 5.39 -2.13
N LEU A 298 33.37 4.50 -3.12
CA LEU A 298 33.66 3.10 -2.85
C LEU A 298 35.10 2.97 -2.38
N LYS A 299 35.30 2.27 -1.28
CA LYS A 299 36.63 1.92 -0.81
C LYS A 299 36.84 0.42 -1.00
N THR A 300 38.10 0.04 -1.29
CA THR A 300 38.45 -1.34 -1.63
C THR A 300 39.53 -1.85 -0.70
N TYR A 301 39.33 -3.04 -0.18
CA TYR A 301 40.29 -3.78 0.63
C TYR A 301 40.38 -5.19 0.10
N LYS A 302 41.58 -5.77 0.13
CA LYS A 302 41.87 -6.95 -0.68
C LYS A 302 42.67 -8.00 0.10
N LEU A 303 42.27 -9.25 -0.07
CA LEU A 303 43.06 -10.39 0.38
C LEU A 303 44.06 -10.72 -0.72
N ASP A 304 45.34 -10.44 -0.47
CA ASP A 304 46.38 -10.76 -1.44
C ASP A 304 47.56 -11.38 -0.71
N ASP A 305 48.64 -11.64 -1.45
CA ASP A 305 49.80 -12.31 -0.86
C ASP A 305 50.31 -11.56 0.35
N GLU A 306 50.25 -10.23 0.32
CA GLU A 306 50.75 -9.41 1.42
C GLU A 306 49.85 -9.53 2.65
N THR A 307 48.54 -9.31 2.48
CA THR A 307 47.64 -9.27 3.63
C THR A 307 47.32 -10.66 4.16
N MET A 308 47.20 -11.65 3.27
CA MET A 308 46.87 -12.99 3.72
C MET A 308 47.96 -13.63 4.57
N ASN A 309 49.21 -13.18 4.44
CA ASN A 309 50.34 -13.80 5.14
C ASN A 309 50.95 -12.88 6.19
N ALA A 310 50.20 -11.87 6.64
CA ALA A 310 50.73 -10.92 7.60
C ALA A 310 50.87 -11.57 8.98
N ASP A 311 51.61 -10.88 9.85
CA ASP A 311 51.94 -11.35 11.18
C ASP A 311 50.91 -10.91 12.22
N LYS A 312 50.02 -9.99 11.85
CA LYS A 312 49.11 -9.34 12.76
C LYS A 312 47.77 -9.16 12.04
N LEU A 313 46.72 -8.86 12.80
CA LEU A 313 45.49 -8.38 12.18
C LEU A 313 45.80 -7.08 11.43
N ILE A 314 45.20 -6.93 10.26
CA ILE A 314 45.31 -5.68 9.50
C ILE A 314 44.00 -4.93 9.65
N THR A 315 44.07 -3.73 10.22
CA THR A 315 42.92 -2.88 10.43
C THR A 315 43.15 -1.55 9.70
N TYR A 316 42.09 -1.01 9.10
CA TYR A 316 42.26 0.15 8.25
C TYR A 316 41.68 1.42 8.85
N CYS B 2 12.85 9.63 -14.05
CA CYS B 2 13.79 10.60 -13.50
C CYS B 2 13.36 11.16 -12.16
N THR B 3 14.32 11.51 -11.32
CA THR B 3 14.06 12.21 -10.07
C THR B 3 15.10 13.32 -9.94
N GLY B 4 14.63 14.54 -9.72
CA GLY B 4 15.51 15.65 -9.37
C GLY B 4 15.44 15.94 -7.88
N LEU B 5 16.56 16.46 -7.35
CA LEU B 5 16.68 16.65 -5.91
C LEU B 5 17.61 17.83 -5.64
N ARG B 6 17.24 18.67 -4.67
CA ARG B 6 18.14 19.71 -4.19
C ARG B 6 17.92 19.91 -2.70
N PHE B 7 18.97 20.41 -2.04
CA PHE B 7 18.97 20.80 -0.64
C PHE B 7 20.28 21.55 -0.41
N THR B 8 20.40 22.20 0.74
CA THR B 8 21.62 22.89 1.13
C THR B 8 22.14 22.34 2.46
N ASP B 9 23.37 22.74 2.80
CA ASP B 9 23.88 22.47 4.13
C ASP B 9 23.49 23.63 5.05
N ASP B 10 24.05 23.67 6.26
CA ASP B 10 23.65 24.73 7.19
C ASP B 10 24.21 26.09 6.79
N GLN B 11 25.08 26.16 5.79
CA GLN B 11 25.72 27.41 5.39
C GLN B 11 25.27 27.86 4.01
N GLY B 12 24.23 27.26 3.44
CA GLY B 12 23.76 27.66 2.14
C GLY B 12 24.56 27.12 0.97
N ASN B 13 25.32 26.05 1.16
CA ASN B 13 25.96 25.37 0.06
C ASN B 13 24.95 24.41 -0.59
N LEU B 14 24.78 24.54 -1.91
CA LEU B 14 23.76 23.82 -2.64
C LEU B 14 24.26 22.50 -3.19
N TYR B 15 23.43 21.46 -3.06
CA TYR B 15 23.65 20.17 -3.68
C TYR B 15 22.40 19.84 -4.50
N PHE B 16 22.57 19.61 -5.80
CA PHE B 16 21.47 19.67 -6.77
C PHE B 16 21.82 18.75 -7.93
N GLY B 17 20.89 17.87 -8.29
CA GLY B 17 21.18 16.86 -9.29
C GLY B 17 19.96 15.99 -9.54
N ARG B 18 20.21 14.81 -10.11
CA ARG B 18 19.09 14.03 -10.65
C ARG B 18 19.55 12.62 -11.02
N ASN B 19 18.58 11.70 -11.02
CA ASN B 19 18.64 10.42 -11.70
C ASN B 19 18.11 10.57 -13.12
N LEU B 20 18.79 9.94 -14.08
CA LEU B 20 18.25 9.80 -15.43
C LEU B 20 17.73 8.37 -15.58
N ASP B 21 16.41 8.22 -15.71
CA ASP B 21 15.74 6.92 -15.82
C ASP B 21 15.23 6.78 -17.24
N VAL B 22 15.86 5.92 -18.03
CA VAL B 22 15.51 5.74 -19.44
C VAL B 22 15.74 4.29 -19.82
N GLY B 23 15.33 3.92 -21.04
CA GLY B 23 15.50 2.58 -21.55
C GLY B 23 16.45 2.43 -22.73
N GLN B 24 17.22 3.46 -23.06
CA GLN B 24 18.12 3.41 -24.20
C GLN B 24 19.39 4.18 -23.86
N ASP B 25 20.44 3.95 -24.64
CA ASP B 25 21.71 4.65 -24.48
C ASP B 25 21.79 5.78 -25.50
N TYR B 26 21.84 7.02 -25.03
CA TYR B 26 21.94 8.16 -25.92
C TYR B 26 23.37 8.62 -26.15
N GLY B 27 24.34 8.00 -25.48
CA GLY B 27 25.72 8.43 -25.64
C GLY B 27 26.10 9.63 -24.83
N GLU B 28 25.31 9.99 -23.81
CA GLU B 28 25.58 11.17 -23.01
C GLU B 28 26.94 11.08 -22.33
N GLY B 29 27.51 12.25 -22.03
CA GLY B 29 28.73 12.33 -21.25
C GLY B 29 28.78 13.69 -20.59
N VAL B 30 29.76 13.86 -19.69
CA VAL B 30 29.94 15.16 -19.06
C VAL B 30 30.54 16.12 -20.08
N ILE B 31 29.99 17.34 -20.12
CA ILE B 31 30.47 18.41 -21.01
C ILE B 31 30.63 19.67 -20.20
N ILE B 32 31.79 20.32 -20.32
CA ILE B 32 31.99 21.67 -19.82
C ILE B 32 31.90 22.63 -20.99
N THR B 33 31.03 23.62 -20.88
CA THR B 33 30.98 24.72 -21.84
C THR B 33 31.73 25.90 -21.24
N PRO B 34 32.83 26.34 -21.83
CA PRO B 34 33.61 27.42 -21.23
C PRO B 34 32.97 28.79 -21.45
N ARG B 35 33.56 29.80 -20.82
CA ARG B 35 33.16 31.18 -21.02
C ARG B 35 33.40 31.63 -22.46
N ASN B 36 32.60 32.59 -22.89
CA ASN B 36 32.68 33.19 -24.23
C ASN B 36 32.71 32.15 -25.34
N TYR B 37 31.93 31.08 -25.18
CA TYR B 37 31.74 30.10 -26.22
C TYR B 37 30.56 30.50 -27.11
N PRO B 38 30.64 30.23 -28.41
CA PRO B 38 29.53 30.57 -29.31
C PRO B 38 28.22 29.96 -28.82
N LEU B 39 27.15 30.76 -28.86
CA LEU B 39 25.84 30.36 -28.35
C LEU B 39 24.75 30.82 -29.32
N PRO B 40 24.42 29.99 -30.30
CA PRO B 40 23.34 30.35 -31.23
C PRO B 40 21.95 30.09 -30.66
N TYR B 41 21.00 30.95 -31.07
CA TYR B 41 19.60 30.83 -30.72
C TYR B 41 18.74 30.78 -31.98
N LYS B 42 17.61 30.07 -31.90
CA LYS B 42 16.72 30.00 -33.06
C LYS B 42 15.96 31.30 -33.30
N PHE B 43 15.53 31.96 -32.22
CA PHE B 43 14.65 33.13 -32.33
C PHE B 43 15.20 34.34 -31.61
N LEU B 44 16.45 34.29 -31.16
CA LEU B 44 17.11 35.41 -30.51
C LEU B 44 18.43 35.65 -31.22
N ASP B 45 19.06 36.77 -30.88
CA ASP B 45 20.39 37.06 -31.40
C ASP B 45 21.39 36.03 -30.88
N ASN B 46 22.16 35.45 -31.80
CA ASN B 46 23.29 34.64 -31.42
C ASN B 46 24.25 35.46 -30.58
N THR B 47 24.92 34.80 -29.65
CA THR B 47 25.80 35.49 -28.73
C THR B 47 26.88 34.50 -28.31
N THR B 48 27.53 34.78 -27.19
CA THR B 48 28.51 33.88 -26.60
C THR B 48 28.20 33.73 -25.12
N THR B 49 28.72 32.66 -24.52
CA THR B 49 28.35 32.33 -23.15
C THR B 49 28.89 33.38 -22.17
N LYS B 50 28.01 33.88 -21.31
CA LYS B 50 28.42 34.71 -20.19
C LYS B 50 29.15 33.93 -19.11
N LYS B 51 28.92 32.62 -19.01
CA LYS B 51 29.37 31.82 -17.88
C LYS B 51 29.80 30.45 -18.35
N ALA B 52 30.68 29.82 -17.57
CA ALA B 52 30.94 28.41 -17.79
C ALA B 52 29.83 27.57 -17.13
N VAL B 53 29.52 26.43 -17.74
CA VAL B 53 28.57 25.49 -17.17
C VAL B 53 29.09 24.06 -17.35
N ILE B 54 28.60 23.18 -16.47
CA ILE B 54 28.93 21.77 -16.49
C ILE B 54 27.65 20.96 -16.34
N GLY B 55 27.65 19.76 -16.90
CA GLY B 55 26.47 18.92 -16.84
C GLY B 55 26.62 17.75 -17.78
N MET B 56 25.58 16.92 -17.82
CA MET B 56 25.54 15.74 -18.66
C MET B 56 24.78 16.07 -19.95
N GLY B 57 25.31 15.64 -21.07
CA GLY B 57 24.63 15.94 -22.32
C GLY B 57 25.27 15.25 -23.50
N ILE B 58 24.87 15.72 -24.70
CA ILE B 58 25.46 15.29 -25.97
C ILE B 58 25.78 16.55 -26.78
N VAL B 59 26.83 16.47 -27.58
CA VAL B 59 27.20 17.57 -28.47
C VAL B 59 26.55 17.33 -29.82
N VAL B 60 25.88 18.35 -30.35
CA VAL B 60 25.25 18.28 -31.67
C VAL B 60 25.73 19.47 -32.48
N ASP B 61 26.52 19.21 -33.53
CA ASP B 61 27.06 20.25 -34.40
C ASP B 61 27.63 21.42 -33.59
N GLY B 62 28.41 21.08 -32.57
CA GLY B 62 29.06 22.08 -31.75
C GLY B 62 28.22 22.65 -30.63
N TYR B 63 26.94 22.28 -30.53
CA TYR B 63 26.05 22.79 -29.50
C TYR B 63 25.96 21.77 -28.36
N PRO B 64 26.28 22.15 -27.12
CA PRO B 64 26.14 21.21 -26.00
C PRO B 64 24.69 21.14 -25.53
N SER B 65 24.04 20.00 -25.82
CA SER B 65 22.64 19.78 -25.51
C SER B 65 22.55 19.03 -24.18
N TYR B 66 22.11 19.70 -23.12
CA TYR B 66 22.25 19.19 -21.75
C TYR B 66 20.99 18.47 -21.26
N PHE B 67 21.20 17.33 -20.59
CA PHE B 67 20.15 16.75 -19.75
C PHE B 67 19.99 17.54 -18.46
N ASP B 68 21.09 18.07 -17.94
CA ASP B 68 21.15 18.92 -16.77
C ASP B 68 22.42 19.75 -16.91
N CYS B 69 22.38 21.00 -16.45
CA CYS B 69 23.60 21.79 -16.42
C CYS B 69 23.53 22.81 -15.30
N PHE B 70 24.70 23.23 -14.86
CA PHE B 70 24.89 24.02 -13.65
C PHE B 70 25.96 25.07 -13.94
N ASN B 71 25.68 26.33 -13.60
CA ASN B 71 26.63 27.37 -13.95
C ASN B 71 27.59 27.64 -12.80
N GLU B 72 28.71 28.30 -13.13
CA GLU B 72 29.77 28.56 -12.16
C GLU B 72 29.28 29.37 -10.98
N ASP B 73 28.13 30.05 -11.09
CA ASP B 73 27.62 30.86 -10.01
C ASP B 73 26.54 30.16 -9.19
N GLY B 74 26.41 28.84 -9.32
CA GLY B 74 25.57 28.07 -8.42
C GLY B 74 24.11 27.95 -8.80
N LEU B 75 23.74 28.24 -10.04
CA LEU B 75 22.37 28.08 -10.52
C LEU B 75 22.36 26.95 -11.54
N GLY B 76 21.37 26.04 -11.42
CA GLY B 76 21.30 24.91 -12.31
C GLY B 76 19.87 24.61 -12.74
N ILE B 77 19.78 23.70 -13.71
CA ILE B 77 18.50 23.28 -14.27
C ILE B 77 18.64 21.84 -14.72
N ALA B 78 17.55 21.08 -14.59
CA ALA B 78 17.49 19.72 -15.10
C ALA B 78 16.16 19.51 -15.80
N GLY B 79 16.22 18.91 -16.99
CA GLY B 79 15.02 18.57 -17.75
C GLY B 79 14.63 17.11 -17.51
N LEU B 80 13.38 16.90 -17.16
CA LEU B 80 12.86 15.58 -16.81
C LEU B 80 11.66 15.26 -17.68
N ASN B 81 11.53 13.97 -18.03
CA ASN B 81 10.42 13.52 -18.88
C ASN B 81 9.09 13.96 -18.29
N PHE B 82 8.20 14.45 -19.17
CA PHE B 82 6.89 14.98 -18.79
C PHE B 82 5.86 14.49 -19.82
N PRO B 83 5.76 13.18 -20.05
CA PRO B 83 4.93 12.66 -21.13
C PRO B 83 3.45 12.85 -20.86
N HIS B 84 2.66 12.86 -21.94
CA HIS B 84 1.23 13.05 -21.89
C HIS B 84 0.83 14.43 -21.36
N PHE B 85 1.80 15.33 -21.21
CA PHE B 85 1.54 16.66 -20.66
C PHE B 85 2.27 17.75 -21.44
N ALA B 86 3.59 17.63 -21.57
CA ALA B 86 4.38 18.68 -22.20
C ALA B 86 3.82 19.02 -23.58
N LYS B 87 3.71 20.32 -23.86
CA LYS B 87 3.26 20.76 -25.17
C LYS B 87 3.74 22.19 -25.36
N PHE B 88 4.50 22.42 -26.43
CA PHE B 88 5.09 23.74 -26.71
C PHE B 88 4.42 24.35 -27.95
N SER B 89 4.84 25.58 -28.27
CA SER B 89 4.22 26.36 -29.33
C SER B 89 4.46 25.76 -30.71
N ASP B 90 3.48 25.93 -31.60
CA ASP B 90 3.72 25.62 -33.01
C ASP B 90 4.85 26.47 -33.57
N GLY B 91 4.95 27.72 -33.14
CA GLY B 91 6.02 28.59 -33.59
C GLY B 91 6.23 29.74 -32.64
N PRO B 92 7.12 30.66 -32.99
CA PRO B 92 7.39 31.80 -32.11
C PRO B 92 6.18 32.71 -32.03
N ILE B 93 6.15 33.51 -30.96
CA ILE B 93 5.08 34.47 -30.72
C ILE B 93 5.71 35.85 -30.57
N ASP B 94 5.09 36.84 -31.22
CA ASP B 94 5.63 38.20 -31.21
C ASP B 94 5.58 38.78 -29.81
N GLY B 95 6.64 39.52 -29.44
CA GLY B 95 6.68 40.14 -28.14
C GLY B 95 6.95 39.18 -27.00
N LYS B 96 7.45 37.99 -27.29
CA LYS B 96 7.88 37.07 -26.25
C LYS B 96 9.33 36.69 -26.50
N ILE B 97 10.03 36.32 -25.44
CA ILE B 97 11.34 35.69 -25.58
C ILE B 97 11.08 34.26 -26.05
N ASN B 98 11.27 34.02 -27.34
CA ASN B 98 10.96 32.71 -27.91
C ASN B 98 12.17 31.79 -27.82
N LEU B 99 11.96 30.61 -27.25
CA LEU B 99 13.00 29.61 -27.09
C LEU B 99 12.47 28.27 -27.60
N ALA B 100 13.19 27.65 -28.52
CA ALA B 100 12.98 26.22 -28.72
C ALA B 100 13.20 25.54 -27.37
N SER B 101 12.37 24.53 -27.05
CA SER B 101 12.38 24.02 -25.68
C SER B 101 13.78 23.60 -25.23
N TYR B 102 14.56 22.98 -26.12
CA TYR B 102 15.90 22.57 -25.71
C TYR B 102 16.80 23.74 -25.37
N GLU B 103 16.48 24.96 -25.83
CA GLU B 103 17.32 26.12 -25.57
C GLU B 103 17.18 26.65 -24.15
N ILE B 104 16.17 26.21 -23.41
CA ILE B 104 15.96 26.76 -22.07
C ILE B 104 17.12 26.37 -21.15
N MET B 105 17.78 25.24 -21.42
CA MET B 105 18.88 24.82 -20.54
C MET B 105 19.96 25.89 -20.46
N LEU B 106 20.46 26.34 -21.62
CA LEU B 106 21.54 27.33 -21.61
C LEU B 106 21.01 28.74 -21.45
N TRP B 107 19.76 29.02 -21.85
CA TRP B 107 19.23 30.35 -21.63
C TRP B 107 19.18 30.67 -20.14
N VAL B 108 18.76 29.69 -19.34
CA VAL B 108 18.64 29.89 -17.90
C VAL B 108 20.02 29.99 -17.25
N THR B 109 20.90 29.02 -17.52
CA THR B 109 22.17 28.98 -16.79
C THR B 109 23.15 30.06 -17.25
N GLN B 110 22.97 30.60 -18.46
CA GLN B 110 23.87 31.62 -18.98
C GLN B 110 23.48 33.01 -18.51
N ASN B 111 22.17 33.27 -18.36
CA ASN B 111 21.72 34.65 -18.14
C ASN B 111 21.38 34.97 -16.69
N PHE B 112 21.39 33.99 -15.79
CA PHE B 112 20.89 34.26 -14.45
C PHE B 112 21.79 33.65 -13.39
N THR B 113 21.71 34.22 -12.20
CA THR B 113 22.31 33.68 -10.98
C THR B 113 21.28 33.43 -9.90
N LYS B 114 20.17 34.16 -9.91
CA LYS B 114 19.15 34.08 -8.89
C LYS B 114 17.86 33.55 -9.51
N VAL B 115 17.25 32.58 -8.83
CA VAL B 115 15.94 32.08 -9.26
C VAL B 115 14.91 33.20 -9.28
N SER B 116 14.99 34.13 -8.31
CA SER B 116 14.10 35.29 -8.31
C SER B 116 14.11 35.98 -9.67
N ASP B 117 15.27 36.14 -10.28
CA ASP B 117 15.33 36.79 -11.60
C ASP B 117 14.82 35.86 -12.69
N VAL B 118 15.13 34.56 -12.58
CA VAL B 118 14.58 33.61 -13.55
C VAL B 118 13.06 33.70 -13.58
N LYS B 119 12.44 33.70 -12.39
CA LYS B 119 10.97 33.70 -12.34
C LYS B 119 10.40 34.93 -13.01
N GLU B 120 10.97 36.10 -12.70
CA GLU B 120 10.50 37.33 -13.33
C GLU B 120 10.62 37.26 -14.85
N ALA B 121 11.75 36.78 -15.35
CA ALA B 121 11.98 36.72 -16.79
C ALA B 121 11.03 35.75 -17.50
N LEU B 122 10.69 34.65 -16.83
CA LEU B 122 9.86 33.61 -17.46
C LEU B 122 8.46 34.11 -17.80
N LYS B 123 7.99 35.16 -17.13
CA LYS B 123 6.70 35.76 -17.47
C LYS B 123 6.60 36.15 -18.94
N ASN B 124 7.74 36.34 -19.63
CA ASN B 124 7.72 36.70 -21.03
C ASN B 124 8.33 35.65 -21.93
N VAL B 125 8.54 34.43 -21.44
CA VAL B 125 9.14 33.38 -22.26
C VAL B 125 8.05 32.54 -22.90
N ASN B 126 8.27 32.18 -24.16
CA ASN B 126 7.44 31.23 -24.88
C ASN B 126 8.33 30.11 -25.39
N LEU B 127 8.00 28.88 -25.02
CA LEU B 127 8.73 27.71 -25.47
C LEU B 127 8.09 27.20 -26.77
N VAL B 128 8.93 26.90 -27.75
CA VAL B 128 8.48 26.53 -29.08
C VAL B 128 8.79 25.06 -29.34
N ASN B 129 7.86 24.39 -30.03
CA ASN B 129 7.97 22.98 -30.37
C ASN B 129 8.91 22.84 -31.57
N GLU B 130 10.21 22.92 -31.30
CA GLU B 130 11.20 22.82 -32.38
C GLU B 130 12.49 22.21 -31.86
N ALA B 131 12.98 21.20 -32.57
CA ALA B 131 14.23 20.55 -32.19
C ALA B 131 15.42 21.33 -32.73
N ILE B 132 16.63 20.90 -32.34
CA ILE B 132 17.83 21.59 -32.81
C ILE B 132 17.95 21.48 -34.32
N ASN B 133 17.67 20.30 -34.87
CA ASN B 133 17.55 20.14 -36.30
C ASN B 133 16.51 19.05 -36.57
N SER B 134 16.15 18.88 -37.84
CA SER B 134 15.06 17.99 -38.21
C SER B 134 15.39 16.52 -37.94
N SER B 135 16.63 16.19 -37.61
CA SER B 135 16.98 14.80 -37.32
C SER B 135 16.65 14.39 -35.90
N PHE B 136 16.15 15.29 -35.06
CA PHE B 136 15.82 14.99 -33.68
C PHE B 136 14.33 15.25 -33.43
N ALA B 137 13.74 14.46 -32.54
CA ALA B 137 12.41 14.76 -32.06
C ALA B 137 12.48 15.72 -30.88
N VAL B 138 11.36 16.37 -30.60
CA VAL B 138 11.26 17.31 -29.48
C VAL B 138 10.88 16.53 -28.23
N ALA B 139 11.73 16.57 -27.22
CA ALA B 139 11.46 15.80 -26.02
C ALA B 139 10.37 16.48 -25.18
N PRO B 140 9.41 15.71 -24.65
CA PRO B 140 8.38 16.30 -23.77
C PRO B 140 8.89 16.42 -22.34
N LEU B 141 9.53 17.53 -22.03
CA LEU B 141 10.18 17.75 -20.74
C LEU B 141 9.42 18.75 -19.89
N HIS B 142 9.66 18.67 -18.57
CA HIS B 142 9.51 19.81 -17.67
C HIS B 142 10.84 19.96 -16.94
N TRP B 143 10.97 21.02 -16.15
CA TRP B 143 12.28 21.41 -15.61
C TRP B 143 12.19 21.78 -14.14
N ILE B 144 13.24 21.46 -13.40
CA ILE B 144 13.46 22.01 -12.07
C ILE B 144 14.68 22.90 -12.14
N ILE B 145 14.56 24.11 -11.59
CA ILE B 145 15.62 25.11 -11.57
C ILE B 145 15.92 25.47 -10.13
N SER B 146 17.20 25.58 -9.77
CA SER B 146 17.49 25.90 -8.39
C SER B 146 18.77 26.71 -8.22
N ASP B 147 18.73 27.61 -7.26
CA ASP B 147 19.90 28.19 -6.63
C ASP B 147 19.83 27.81 -5.15
N LYS B 148 20.69 28.43 -4.35
CA LYS B 148 20.79 28.06 -2.94
C LYS B 148 19.56 28.44 -2.15
N ASP B 149 18.73 29.37 -2.64
CA ASP B 149 17.59 29.86 -1.88
C ASP B 149 16.26 29.18 -2.22
N GLU B 150 16.05 28.78 -3.47
CA GLU B 150 14.74 28.34 -3.91
C GLU B 150 14.88 27.46 -5.13
N ALA B 151 13.99 26.48 -5.23
CA ALA B 151 13.80 25.72 -6.46
C ALA B 151 12.44 26.08 -7.03
N ILE B 152 12.37 26.15 -8.36
CA ILE B 152 11.10 26.30 -9.05
C ILE B 152 10.97 25.21 -10.10
N ILE B 153 9.72 24.92 -10.46
CA ILE B 153 9.36 23.96 -11.49
C ILE B 153 8.79 24.74 -12.66
N VAL B 154 9.22 24.41 -13.88
CA VAL B 154 8.65 25.00 -15.07
C VAL B 154 7.95 23.91 -15.86
N GLU B 155 6.65 24.08 -16.11
CA GLU B 155 5.83 23.12 -16.84
C GLU B 155 5.01 23.87 -17.88
N VAL B 156 5.08 23.44 -19.13
CA VAL B 156 4.27 23.99 -20.20
C VAL B 156 3.44 22.84 -20.78
N SER B 157 2.15 22.85 -20.51
CA SER B 157 1.30 21.72 -20.84
C SER B 157 0.17 22.15 -21.76
N LYS B 158 -0.33 21.19 -22.53
CA LYS B 158 -1.58 21.43 -23.24
C LYS B 158 -2.71 21.72 -22.26
N GLN B 159 -2.74 21.01 -21.13
CA GLN B 159 -3.81 21.16 -20.17
C GLN B 159 -3.85 22.57 -19.58
N TYR B 160 -2.67 23.09 -19.17
CA TYR B 160 -2.64 24.30 -18.36
C TYR B 160 -1.76 25.42 -18.90
N GLY B 161 -1.13 25.25 -20.06
CA GLY B 161 -0.26 26.34 -20.46
C GLY B 161 1.01 26.35 -19.62
N MET B 162 1.63 27.51 -19.55
CA MET B 162 2.91 27.63 -18.84
C MET B 162 2.66 27.95 -17.37
N LYS B 163 3.20 27.12 -16.50
CA LYS B 163 3.07 27.29 -15.05
C LYS B 163 4.45 27.24 -14.41
N VAL B 164 4.65 28.08 -13.40
CA VAL B 164 5.91 28.13 -12.64
C VAL B 164 5.58 28.04 -11.17
N PHE B 165 6.15 27.05 -10.48
CA PHE B 165 5.84 26.74 -9.10
C PHE B 165 7.07 26.89 -8.22
N ASP B 166 6.87 27.39 -7.02
CA ASP B 166 7.88 27.25 -5.97
C ASP B 166 7.87 25.80 -5.45
N ASP B 167 9.04 25.18 -5.36
CA ASP B 167 9.15 23.76 -5.00
C ASP B 167 9.88 23.66 -3.67
N LYS B 168 9.14 23.86 -2.58
CA LYS B 168 9.80 23.80 -1.28
C LYS B 168 10.24 22.38 -0.92
N LEU B 169 9.69 21.37 -1.60
CA LEU B 169 10.09 19.99 -1.32
C LEU B 169 11.48 19.67 -1.86
N GLY B 170 11.95 20.41 -2.86
CA GLY B 170 13.23 20.17 -3.48
C GLY B 170 13.31 18.95 -4.36
N VAL B 171 12.19 18.44 -4.87
CA VAL B 171 12.21 17.25 -5.70
C VAL B 171 11.25 17.42 -6.88
N LEU B 172 11.45 16.58 -7.89
CA LEU B 172 10.59 16.53 -9.05
C LEU B 172 10.74 15.15 -9.67
N THR B 173 9.65 14.60 -10.21
CA THR B 173 9.77 13.33 -10.94
C THR B 173 9.18 13.55 -12.31
N ASN B 174 8.16 12.81 -12.70
CA ASN B 174 7.60 12.90 -14.03
C ASN B 174 6.09 13.13 -13.92
N SER B 175 5.32 12.63 -14.87
CA SER B 175 3.93 13.01 -14.94
C SER B 175 3.11 12.33 -13.83
N PRO B 176 1.99 12.95 -13.42
CA PRO B 176 1.44 14.19 -13.99
C PRO B 176 2.07 15.50 -13.48
N ASP B 177 1.29 16.58 -13.59
CA ASP B 177 1.78 17.94 -13.32
C ASP B 177 2.11 18.14 -11.84
N PHE B 178 2.90 19.19 -11.59
CA PHE B 178 3.48 19.40 -10.26
C PHE B 178 2.40 19.63 -9.21
N ASN B 179 1.40 20.46 -9.52
CA ASN B 179 0.36 20.70 -8.53
C ASN B 179 -0.40 19.42 -8.18
N TRP B 180 -0.58 18.52 -9.14
CA TRP B 180 -1.20 17.24 -8.82
C TRP B 180 -0.41 16.52 -7.74
N HIS B 181 0.93 16.48 -7.89
CA HIS B 181 1.79 15.81 -6.92
C HIS B 181 1.74 16.49 -5.56
N LEU B 182 1.82 17.83 -5.53
CA LEU B 182 1.68 18.56 -4.27
C LEU B 182 0.42 18.14 -3.55
N THR B 183 -0.69 18.12 -4.30
CA THR B 183 -1.98 17.75 -3.71
C THR B 183 -1.94 16.32 -3.19
N ASN B 184 -1.28 15.42 -3.93
CA ASN B 184 -1.17 14.02 -3.51
C ASN B 184 -0.55 13.89 -2.12
N LEU B 185 0.37 14.79 -1.75
CA LEU B 185 1.09 14.65 -0.49
C LEU B 185 0.15 14.70 0.70
N GLY B 186 -0.94 15.47 0.59
CA GLY B 186 -1.93 15.46 1.66
C GLY B 186 -2.47 14.08 1.99
N ASN B 187 -2.47 13.18 1.02
CA ASN B 187 -2.98 11.83 1.28
C ASN B 187 -1.98 10.95 2.02
N TYR B 188 -0.75 11.44 2.28
CA TYR B 188 0.27 10.66 2.98
C TYR B 188 0.69 11.32 4.29
N THR B 189 -0.16 12.18 4.84
CA THR B 189 0.13 12.78 6.13
C THR B 189 0.15 11.75 7.26
N GLY B 190 -0.41 10.55 7.05
CA GLY B 190 -0.25 9.48 8.02
C GLY B 190 1.18 8.96 8.15
N LEU B 191 2.06 9.29 7.19
CA LEU B 191 3.45 8.88 7.29
C LEU B 191 4.13 9.53 8.49
N ASP B 192 4.91 8.73 9.22
CA ASP B 192 5.57 9.26 10.40
C ASP B 192 6.92 8.57 10.58
N PRO B 193 8.02 9.32 10.60
CA PRO B 193 9.32 8.68 10.84
C PRO B 193 9.38 7.90 12.15
N HIS B 194 8.60 8.31 13.16
CA HIS B 194 8.68 7.68 14.47
C HIS B 194 8.01 6.31 14.45
N ASP B 195 8.72 5.33 15.02
CA ASP B 195 8.20 3.97 15.10
C ASP B 195 6.91 3.93 15.91
N ALA B 196 6.02 3.02 15.51
CA ALA B 196 4.94 2.61 16.38
C ALA B 196 5.53 1.81 17.54
N THR B 197 4.73 1.60 18.59
CA THR B 197 5.14 0.77 19.72
C THR B 197 4.06 -0.29 19.99
N ALA B 198 4.27 -1.08 21.05
CA ALA B 198 3.41 -2.21 21.35
C ALA B 198 1.99 -1.77 21.67
N GLN B 199 1.01 -2.53 21.15
CA GLN B 199 -0.40 -2.20 21.29
C GLN B 199 -1.15 -3.41 21.83
N SER B 200 -2.34 -3.13 22.35
CA SER B 200 -3.26 -4.17 22.83
C SER B 200 -4.48 -4.19 21.92
N TRP B 201 -4.56 -5.20 21.05
CA TRP B 201 -5.74 -5.40 20.21
C TRP B 201 -6.66 -6.36 20.96
N ASN B 202 -7.58 -5.80 21.75
CA ASN B 202 -8.49 -6.58 22.59
C ASN B 202 -7.71 -7.57 23.46
N GLY B 203 -6.57 -7.12 24.00
CA GLY B 203 -5.75 -7.97 24.84
C GLY B 203 -4.75 -8.84 24.12
N GLN B 204 -4.80 -8.91 22.79
CA GLN B 204 -3.72 -9.55 22.04
C GLN B 204 -2.58 -8.55 21.87
N LYS B 205 -1.38 -8.92 22.31
CA LYS B 205 -0.24 -8.04 22.13
C LYS B 205 0.16 -8.03 20.67
N VAL B 206 0.20 -6.85 20.06
CA VAL B 206 0.56 -6.65 18.67
C VAL B 206 1.68 -5.62 18.68
N ALA B 207 2.91 -6.06 18.41
CA ALA B 207 4.08 -5.20 18.54
C ALA B 207 4.98 -5.30 17.32
N PRO B 208 5.70 -4.22 17.01
CA PRO B 208 6.56 -4.25 15.82
C PRO B 208 7.64 -5.32 15.96
N TRP B 209 8.03 -5.90 14.82
CA TRP B 209 9.13 -6.86 14.76
C TRP B 209 10.49 -6.20 14.54
N GLY B 210 10.49 -4.98 14.01
CA GLY B 210 11.69 -4.22 13.72
C GLY B 210 11.31 -2.78 13.54
N VAL B 211 12.32 -1.94 13.31
CA VAL B 211 12.11 -0.52 13.17
C VAL B 211 11.51 -0.21 11.80
N GLY B 212 10.85 0.95 11.70
CA GLY B 212 10.32 1.45 10.45
C GLY B 212 8.80 1.44 10.34
N THR B 213 8.08 1.08 11.41
CA THR B 213 6.65 0.83 11.30
C THR B 213 5.85 2.12 11.07
N GLY B 214 6.41 3.28 11.40
CA GLY B 214 5.70 4.53 11.22
C GLY B 214 5.49 4.93 9.78
N SER B 215 6.28 4.40 8.84
CA SER B 215 6.11 4.76 7.44
C SER B 215 5.31 3.72 6.66
N LEU B 216 4.50 2.91 7.36
CA LEU B 216 3.51 2.05 6.72
C LEU B 216 2.80 2.80 5.61
N GLY B 217 2.80 2.21 4.41
CA GLY B 217 2.14 2.80 3.26
C GLY B 217 3.04 3.63 2.36
N LEU B 218 4.31 3.79 2.69
CA LEU B 218 5.23 4.49 1.80
C LEU B 218 5.49 3.63 0.57
N PRO B 219 5.23 4.11 -0.65
CA PRO B 219 5.38 3.25 -1.83
C PRO B 219 6.82 3.10 -2.26
N GLY B 220 7.15 1.91 -2.77
CA GLY B 220 8.52 1.57 -3.12
C GLY B 220 8.69 1.28 -4.60
N ASP B 221 7.60 1.37 -5.35
CA ASP B 221 7.61 1.17 -6.79
C ASP B 221 8.06 2.45 -7.50
N SER B 222 8.17 2.38 -8.83
CA SER B 222 8.74 3.44 -9.64
C SER B 222 7.72 4.33 -10.35
N ILE B 223 6.41 4.13 -10.14
CA ILE B 223 5.42 5.05 -10.67
C ILE B 223 5.82 6.49 -10.32
N PRO B 224 5.73 7.46 -11.25
CA PRO B 224 6.24 8.81 -10.91
C PRO B 224 5.62 9.39 -9.65
N ALA B 225 4.32 9.23 -9.45
CA ALA B 225 3.66 9.73 -8.25
C ALA B 225 4.28 9.15 -6.98
N ASP B 226 4.63 7.86 -7.01
CA ASP B 226 5.15 7.22 -5.81
C ASP B 226 6.58 7.64 -5.51
N ARG B 227 7.42 7.79 -6.54
CA ARG B 227 8.79 8.28 -6.30
C ARG B 227 8.77 9.74 -5.85
N PHE B 228 7.77 10.50 -6.28
CA PHE B 228 7.65 11.87 -5.79
C PHE B 228 7.36 11.89 -4.31
N VAL B 229 6.34 11.15 -3.87
CA VAL B 229 6.00 11.06 -2.46
C VAL B 229 7.22 10.65 -1.65
N LYS B 230 7.92 9.59 -2.10
CA LYS B 230 9.02 9.07 -1.29
C LYS B 230 10.23 10.00 -1.31
N ALA B 231 10.56 10.57 -2.48
CA ALA B 231 11.67 11.51 -2.55
C ALA B 231 11.42 12.73 -1.66
N ALA B 232 10.21 13.29 -1.71
CA ALA B 232 9.88 14.45 -0.86
C ALA B 232 9.95 14.08 0.62
N TYR B 233 9.37 12.93 0.99
CA TYR B 233 9.41 12.49 2.37
C TYR B 233 10.85 12.31 2.86
N LEU B 234 11.72 11.72 2.05
CA LEU B 234 13.10 11.52 2.49
C LEU B 234 13.85 12.85 2.57
N ASN B 235 13.66 13.71 1.56
CA ASN B 235 14.41 14.96 1.53
C ASN B 235 14.08 15.84 2.73
N VAL B 236 12.79 15.98 3.05
CA VAL B 236 12.39 16.90 4.11
C VAL B 236 12.77 16.35 5.48
N ASN B 237 12.85 15.02 5.63
CA ASN B 237 13.20 14.46 6.92
C ASN B 237 14.68 14.14 7.06
N TYR B 238 15.46 14.20 5.99
CA TYR B 238 16.90 13.95 6.10
C TYR B 238 17.57 15.10 6.84
N PRO B 239 18.29 14.85 7.92
CA PRO B 239 18.93 15.95 8.66
C PRO B 239 19.86 16.75 7.76
N THR B 240 20.12 17.98 8.18
CA THR B 240 21.18 18.77 7.57
C THR B 240 22.50 18.23 8.06
N VAL B 241 23.43 18.01 7.13
CA VAL B 241 24.73 17.45 7.45
C VAL B 241 25.82 18.46 7.06
N LYS B 242 27.03 18.23 7.54
CA LYS B 242 28.12 19.20 7.41
C LYS B 242 29.23 18.67 6.51
N GLY B 243 29.68 19.49 5.59
CA GLY B 243 30.84 19.16 4.81
C GLY B 243 30.50 18.57 3.47
N GLU B 244 31.47 18.65 2.55
CA GLU B 244 31.25 18.22 1.17
C GLU B 244 30.97 16.73 1.10
N LYS B 245 31.82 15.91 1.72
CA LYS B 245 31.67 14.47 1.63
C LYS B 245 30.31 14.02 2.16
N ALA B 246 29.93 14.51 3.34
CA ALA B 246 28.67 14.06 3.94
C ALA B 246 27.46 14.53 3.12
N ASN B 247 27.54 15.73 2.55
CA ASN B 247 26.43 16.24 1.76
C ASN B 247 26.33 15.51 0.43
N VAL B 248 27.47 15.20 -0.20
CA VAL B 248 27.39 14.41 -1.43
C VAL B 248 26.88 13.00 -1.14
N ALA B 249 27.30 12.41 -0.02
CA ALA B 249 26.82 11.07 0.33
C ALA B 249 25.32 11.10 0.59
N LYS B 250 24.87 12.08 1.40
CA LYS B 250 23.44 12.27 1.65
C LYS B 250 22.66 12.32 0.35
N PHE B 251 23.15 13.09 -0.61
CA PHE B 251 22.48 13.26 -1.89
C PHE B 251 22.32 11.93 -2.60
N PHE B 252 23.41 11.19 -2.73
CA PHE B 252 23.35 9.90 -3.39
C PHE B 252 22.55 8.88 -2.58
N ASN B 253 22.59 8.99 -1.24
CA ASN B 253 21.75 8.10 -0.42
C ASN B 253 20.28 8.24 -0.81
N ILE B 254 19.82 9.50 -0.95
CA ILE B 254 18.42 9.75 -1.25
C ILE B 254 18.08 9.29 -2.66
N LEU B 255 18.87 9.72 -3.66
CA LEU B 255 18.51 9.40 -5.03
C LEU B 255 18.67 7.91 -5.32
N LYS B 256 19.66 7.25 -4.71
CA LYS B 256 19.78 5.82 -4.92
C LYS B 256 18.62 5.07 -4.27
N SER B 257 18.09 5.60 -3.17
CA SER B 257 16.86 5.06 -2.58
C SER B 257 15.71 5.00 -3.59
N VAL B 258 15.53 6.06 -4.39
CA VAL B 258 14.39 6.12 -5.30
C VAL B 258 14.79 5.79 -6.74
N ALA B 259 15.98 5.22 -6.95
CA ALA B 259 16.38 4.82 -8.29
C ALA B 259 15.43 3.77 -8.87
N MET B 260 15.38 3.73 -10.19
CA MET B 260 14.62 2.73 -10.94
C MET B 260 15.57 1.58 -11.24
N ILE B 261 15.33 0.43 -10.63
CA ILE B 261 16.29 -0.66 -10.61
C ILE B 261 16.11 -1.52 -11.86
N LYS B 262 17.23 -1.86 -12.50
CA LYS B 262 17.17 -2.61 -13.75
C LYS B 262 16.50 -3.97 -13.55
N GLY B 263 15.57 -4.30 -14.45
CA GLY B 263 14.84 -5.54 -14.39
C GLY B 263 13.50 -5.42 -13.73
N SER B 264 13.28 -4.38 -12.93
CA SER B 264 12.04 -4.25 -12.19
C SER B 264 11.01 -3.42 -12.94
N VAL B 265 11.38 -2.82 -14.07
CA VAL B 265 10.48 -2.03 -14.89
C VAL B 265 10.74 -2.38 -16.36
N VAL B 266 9.71 -2.90 -17.03
CA VAL B 266 9.77 -3.20 -18.45
C VAL B 266 8.64 -2.45 -19.12
N ASN B 267 8.98 -1.56 -20.06
CA ASN B 267 7.92 -0.76 -20.67
C ASN B 267 7.15 -1.57 -21.70
N LYS B 268 6.10 -0.93 -22.24
CA LYS B 268 5.17 -1.63 -23.12
C LYS B 268 5.85 -2.17 -24.36
N LEU B 269 6.99 -1.59 -24.75
CA LEU B 269 7.74 -2.08 -25.90
C LEU B 269 8.70 -3.20 -25.55
N GLY B 270 8.71 -3.66 -24.29
CA GLY B 270 9.58 -4.73 -23.89
C GLY B 270 10.97 -4.32 -23.44
N SER B 271 11.23 -3.03 -23.27
CA SER B 271 12.55 -2.54 -22.88
C SER B 271 12.64 -2.27 -21.38
N ASP B 272 13.75 -2.68 -20.78
CA ASP B 272 14.07 -2.27 -19.42
C ASP B 272 14.23 -0.76 -19.33
N GLU B 273 13.66 -0.18 -18.28
CA GLU B 273 13.86 1.23 -17.97
C GLU B 273 14.42 1.31 -16.56
N TYR B 274 15.49 2.09 -16.39
CA TYR B 274 16.20 2.09 -15.12
C TYR B 274 17.07 3.34 -15.02
N THR B 275 17.53 3.60 -13.80
CA THR B 275 18.39 4.74 -13.56
C THR B 275 19.76 4.48 -14.18
N VAL B 276 20.05 5.18 -15.28
CA VAL B 276 21.32 4.96 -15.98
C VAL B 276 22.46 5.72 -15.31
N TYR B 277 22.20 6.93 -14.83
CA TYR B 277 23.19 7.62 -14.03
C TYR B 277 22.48 8.44 -12.95
N THR B 278 23.25 8.77 -11.93
CA THR B 278 22.87 9.68 -10.85
C THR B 278 23.96 10.73 -10.78
N ALA B 279 23.59 12.01 -10.71
CA ALA B 279 24.55 13.09 -10.75
C ALA B 279 24.23 14.12 -9.68
N CYS B 280 25.28 14.72 -9.13
CA CYS B 280 25.16 15.77 -8.11
C CYS B 280 26.15 16.88 -8.42
N TYR B 281 25.65 18.11 -8.49
CA TYR B 281 26.50 19.29 -8.58
C TYR B 281 26.60 19.92 -7.19
N SER B 282 27.83 20.11 -6.71
CA SER B 282 28.09 20.89 -5.51
C SER B 282 28.50 22.29 -5.94
N ALA B 283 27.65 23.28 -5.66
CA ALA B 283 27.98 24.65 -6.03
C ALA B 283 29.22 25.14 -5.29
N ALA B 284 29.37 24.73 -4.03
CA ALA B 284 30.51 25.16 -3.22
C ALA B 284 31.83 24.84 -3.91
N THR B 285 32.01 23.60 -4.36
CA THR B 285 33.26 23.17 -4.99
C THR B 285 33.19 23.19 -6.51
N LYS B 286 32.07 23.62 -7.08
CA LYS B 286 31.89 23.65 -8.53
C LYS B 286 32.22 22.27 -9.13
N THR B 287 31.82 21.22 -8.42
CA THR B 287 32.15 19.86 -8.82
C THR B 287 30.90 19.09 -9.20
N TYR B 288 30.94 18.44 -10.35
CA TYR B 288 29.90 17.54 -10.83
C TYR B 288 30.30 16.10 -10.50
N TYR B 289 29.53 15.45 -9.64
CA TYR B 289 29.75 14.06 -9.23
C TYR B 289 28.77 13.17 -9.99
N CYS B 290 29.25 12.03 -10.48
CA CYS B 290 28.28 11.09 -11.05
C CYS B 290 28.79 9.65 -10.97
N ASN B 291 27.84 8.72 -11.03
CA ASN B 291 28.13 7.30 -11.18
C ASN B 291 27.04 6.72 -12.06
N PHE B 292 27.22 5.46 -12.45
CA PHE B 292 26.43 4.87 -13.51
C PHE B 292 25.91 3.50 -13.08
N GLU B 293 24.89 3.03 -13.80
CA GLU B 293 24.29 1.74 -13.44
C GLU B 293 25.30 0.61 -13.48
N ASN B 294 26.28 0.67 -14.37
CA ASN B 294 27.29 -0.39 -14.51
C ASN B 294 28.66 0.00 -13.95
N ASP B 295 28.73 1.08 -13.17
CA ASP B 295 30.00 1.52 -12.59
C ASP B 295 29.65 2.44 -11.42
N PHE B 296 29.76 1.91 -10.20
CA PHE B 296 29.27 2.60 -9.02
C PHE B 296 30.24 3.65 -8.49
N GLU B 297 31.51 3.60 -8.90
CA GLU B 297 32.49 4.55 -8.36
C GLU B 297 32.12 5.98 -8.74
N LEU B 298 32.14 6.86 -7.76
CA LEU B 298 31.89 8.28 -8.02
C LEU B 298 32.97 8.84 -8.93
N LYS B 299 32.56 9.53 -9.98
CA LYS B 299 33.50 10.26 -10.83
C LYS B 299 33.26 11.76 -10.66
N THR B 300 34.34 12.55 -10.74
CA THR B 300 34.28 13.96 -10.44
C THR B 300 34.84 14.79 -11.58
N TYR B 301 34.15 15.88 -11.91
CA TYR B 301 34.53 16.83 -12.95
C TYR B 301 34.28 18.23 -12.41
N LYS B 302 35.15 19.19 -12.76
CA LYS B 302 35.19 20.46 -12.04
C LYS B 302 35.23 21.64 -12.99
N LEU B 303 34.48 22.69 -12.65
CA LEU B 303 34.66 24.01 -13.26
C LEU B 303 35.79 24.70 -12.52
N ASP B 304 36.95 24.85 -13.16
CA ASP B 304 38.06 25.54 -12.51
C ASP B 304 38.71 26.48 -13.53
N ASP B 305 39.85 27.06 -13.13
CA ASP B 305 40.48 28.04 -14.00
C ASP B 305 40.78 27.45 -15.37
N GLU B 306 41.31 26.22 -15.42
CA GLU B 306 41.61 25.59 -16.70
C GLU B 306 40.35 25.37 -17.53
N THR B 307 39.32 24.73 -16.93
CA THR B 307 38.16 24.35 -17.73
C THR B 307 37.26 25.53 -18.08
N MET B 308 37.02 26.45 -17.14
CA MET B 308 36.09 27.55 -17.41
C MET B 308 36.60 28.48 -18.52
N ASN B 309 37.92 28.54 -18.73
CA ASN B 309 38.50 29.45 -19.71
C ASN B 309 39.02 28.72 -20.94
N ALA B 310 38.47 27.55 -21.23
CA ALA B 310 38.96 26.77 -22.36
C ALA B 310 38.52 27.41 -23.67
N ASP B 311 39.17 26.99 -24.76
CA ASP B 311 38.89 27.50 -26.09
C ASP B 311 37.83 26.70 -26.81
N LYS B 312 37.42 25.57 -26.26
CA LYS B 312 36.46 24.68 -26.91
C LYS B 312 35.67 23.95 -25.84
N LEU B 313 34.68 23.17 -26.27
CA LEU B 313 33.96 22.30 -25.36
C LEU B 313 34.91 21.25 -24.80
N ILE B 314 34.79 20.98 -23.50
CA ILE B 314 35.55 19.91 -22.86
C ILE B 314 34.60 18.75 -22.64
N THR B 315 34.91 17.60 -23.25
CA THR B 315 34.10 16.39 -23.16
C THR B 315 34.91 15.26 -22.54
N TYR B 316 34.22 14.38 -21.82
CA TYR B 316 34.89 13.31 -21.09
C TYR B 316 34.39 11.94 -21.51
N CYS C 2 -18.01 10.74 2.36
CA CYS C 2 -19.19 10.31 1.60
C CYS C 2 -18.74 9.59 0.35
N THR C 3 -19.61 8.72 -0.17
CA THR C 3 -19.40 8.11 -1.48
C THR C 3 -20.72 8.12 -2.21
N GLY C 4 -20.73 8.61 -3.44
CA GLY C 4 -21.89 8.55 -4.30
C GLY C 4 -21.69 7.51 -5.39
N LEU C 5 -22.79 6.91 -5.83
CA LEU C 5 -22.72 5.74 -6.70
C LEU C 5 -23.95 5.71 -7.61
N ARG C 6 -23.72 5.40 -8.88
CA ARG C 6 -24.83 5.17 -9.79
C ARG C 6 -24.40 4.16 -10.83
N PHE C 7 -25.37 3.41 -11.33
CA PHE C 7 -25.24 2.48 -12.44
C PHE C 7 -26.66 2.12 -12.87
N THR C 8 -26.79 1.42 -14.00
CA THR C 8 -28.08 0.96 -14.48
C THR C 8 -28.06 -0.55 -14.67
N ASP C 9 -29.22 -1.15 -14.92
CA ASP C 9 -29.24 -2.54 -15.33
C ASP C 9 -29.14 -2.59 -16.86
N ASP C 10 -29.47 -3.72 -17.48
CA ASP C 10 -29.33 -3.79 -18.93
C ASP C 10 -30.49 -3.12 -19.67
N GLN C 11 -31.51 -2.63 -18.95
CA GLN C 11 -32.65 -1.96 -19.56
C GLN C 11 -32.70 -0.48 -19.23
N GLY C 12 -31.59 0.08 -18.73
CA GLY C 12 -31.57 1.49 -18.41
C GLY C 12 -32.29 1.88 -17.15
N ASN C 13 -32.58 0.94 -16.26
CA ASN C 13 -33.12 1.30 -14.95
C ASN C 13 -31.99 1.78 -14.06
N LEU C 14 -32.15 2.99 -13.51
CA LEU C 14 -31.10 3.65 -12.74
C LEU C 14 -31.17 3.29 -11.26
N TYR C 15 -30.01 3.02 -10.67
CA TYR C 15 -29.85 2.87 -9.22
C TYR C 15 -28.77 3.87 -8.78
N PHE C 16 -29.12 4.77 -7.87
CA PHE C 16 -28.36 5.99 -7.62
C PHE C 16 -28.53 6.35 -6.15
N GLY C 17 -27.41 6.55 -5.46
CA GLY C 17 -27.47 6.85 -4.04
C GLY C 17 -26.09 7.18 -3.48
N ARG C 18 -25.96 7.02 -2.16
CA ARG C 18 -24.78 7.53 -1.48
C ARG C 18 -24.70 6.98 -0.06
N ASN C 19 -23.47 6.97 0.46
CA ASN C 19 -23.17 6.91 1.88
C ASN C 19 -23.05 8.33 2.40
N LEU C 20 -23.57 8.56 3.61
CA LEU C 20 -23.31 9.81 4.31
C LEU C 20 -22.32 9.51 5.44
N ASP C 21 -21.11 10.08 5.35
CA ASP C 21 -20.05 9.86 6.34
C ASP C 21 -19.87 11.15 7.12
N VAL C 22 -20.37 11.19 8.36
CA VAL C 22 -20.31 12.39 9.18
C VAL C 22 -19.96 12.02 10.61
N GLY C 23 -19.68 13.04 11.42
CA GLY C 23 -19.33 12.81 12.82
C GLY C 23 -20.34 13.37 13.80
N GLN C 24 -21.46 13.90 13.31
CA GLN C 24 -22.51 14.46 14.14
C GLN C 24 -23.85 13.87 13.71
N ASP C 25 -24.78 13.79 14.66
CA ASP C 25 -26.16 13.43 14.36
C ASP C 25 -26.93 14.70 13.96
N TYR C 26 -27.45 14.72 12.74
CA TYR C 26 -28.18 15.87 12.24
C TYR C 26 -29.70 15.67 12.30
N GLY C 27 -30.16 14.57 12.87
CA GLY C 27 -31.58 14.32 12.94
C GLY C 27 -32.24 14.16 11.59
N GLU C 28 -31.49 13.68 10.59
CA GLU C 28 -32.03 13.54 9.26
C GLU C 28 -33.07 12.42 9.21
N GLY C 29 -33.96 12.50 8.22
CA GLY C 29 -34.93 11.45 7.96
C GLY C 29 -35.36 11.51 6.51
N VAL C 30 -36.13 10.53 6.09
CA VAL C 30 -36.63 10.50 4.73
C VAL C 30 -37.76 11.50 4.61
N ILE C 31 -37.70 12.34 3.57
CA ILE C 31 -38.70 13.36 3.31
C ILE C 31 -39.19 13.20 1.88
N ILE C 32 -40.51 13.08 1.72
CA ILE C 32 -41.16 13.18 0.42
C ILE C 32 -41.72 14.60 0.29
N THR C 33 -41.28 15.33 -0.72
CA THR C 33 -41.89 16.61 -1.03
C THR C 33 -42.89 16.41 -2.15
N PRO C 34 -44.17 16.66 -1.93
CA PRO C 34 -45.18 16.37 -2.96
C PRO C 34 -45.21 17.47 -4.01
N ARG C 35 -46.00 17.20 -5.05
CA ARG C 35 -46.28 18.20 -6.07
C ARG C 35 -46.98 19.41 -5.47
N ASN C 36 -46.77 20.57 -6.09
CA ASN C 36 -47.46 21.81 -5.74
C ASN C 36 -47.10 22.30 -4.36
N TYR C 37 -45.95 21.90 -3.84
CA TYR C 37 -45.51 22.36 -2.54
C TYR C 37 -44.81 23.71 -2.68
N PRO C 38 -45.01 24.63 -1.73
CA PRO C 38 -44.37 25.93 -1.84
C PRO C 38 -42.86 25.79 -1.91
N LEU C 39 -42.25 26.62 -2.76
CA LEU C 39 -40.82 26.53 -3.04
C LEU C 39 -40.27 27.93 -3.17
N PRO C 40 -39.89 28.54 -2.05
CA PRO C 40 -39.27 29.86 -2.10
C PRO C 40 -37.81 29.80 -2.55
N TYR C 41 -37.35 30.90 -3.11
CA TYR C 41 -35.95 31.04 -3.51
C TYR C 41 -35.37 32.30 -2.89
N LYS C 42 -34.06 32.29 -2.65
CA LYS C 42 -33.40 33.47 -2.09
C LYS C 42 -33.27 34.58 -3.12
N PHE C 43 -33.06 34.20 -4.39
CA PHE C 43 -32.82 35.18 -5.43
C PHE C 43 -33.76 35.05 -6.62
N LEU C 44 -34.38 33.89 -6.84
CA LEU C 44 -35.35 33.75 -7.91
C LEU C 44 -36.76 34.07 -7.40
N ASP C 45 -37.70 34.23 -8.34
CA ASP C 45 -39.10 34.27 -7.96
C ASP C 45 -39.47 33.01 -7.18
N ASN C 46 -40.23 33.19 -6.09
CA ASN C 46 -40.81 32.06 -5.40
C ASN C 46 -41.74 31.29 -6.33
N THR C 47 -41.92 30.00 -6.06
CA THR C 47 -42.79 29.21 -6.91
C THR C 47 -43.30 28.02 -6.09
N THR C 48 -43.76 26.98 -6.77
CA THR C 48 -44.12 25.73 -6.13
C THR C 48 -43.40 24.60 -6.84
N THR C 49 -43.33 23.44 -6.19
CA THR C 49 -42.76 22.27 -6.84
C THR C 49 -43.68 21.76 -7.95
N LYS C 50 -43.09 21.31 -9.04
CA LYS C 50 -43.83 20.66 -10.10
C LYS C 50 -43.57 19.16 -10.19
N LYS C 51 -42.56 18.65 -9.49
CA LYS C 51 -42.26 17.23 -9.45
C LYS C 51 -42.11 16.79 -8.01
N ALA C 52 -42.69 15.62 -7.69
CA ALA C 52 -42.47 15.03 -6.38
C ALA C 52 -41.01 14.57 -6.27
N VAL C 53 -40.43 14.77 -5.08
CA VAL C 53 -39.08 14.28 -4.82
C VAL C 53 -39.07 13.51 -3.50
N ILE C 54 -38.06 12.65 -3.38
CA ILE C 54 -37.83 11.86 -2.19
C ILE C 54 -36.32 11.86 -1.89
N GLY C 55 -35.98 11.75 -0.62
CA GLY C 55 -34.59 11.73 -0.23
C GLY C 55 -34.45 11.93 1.27
N MET C 56 -33.19 12.03 1.70
CA MET C 56 -32.85 12.22 3.10
C MET C 56 -32.54 13.67 3.36
N GLY C 57 -33.02 14.19 4.49
CA GLY C 57 -32.74 15.56 4.82
C GLY C 57 -33.31 15.95 6.15
N ILE C 58 -33.51 17.27 6.31
CA ILE C 58 -34.06 17.86 7.52
C ILE C 58 -34.99 18.98 7.07
N VAL C 59 -36.03 19.24 7.86
CA VAL C 59 -36.99 20.30 7.53
C VAL C 59 -36.63 21.53 8.33
N VAL C 60 -36.42 22.64 7.63
CA VAL C 60 -36.10 23.92 8.25
C VAL C 60 -37.21 24.89 7.85
N ASP C 61 -37.99 25.33 8.84
CA ASP C 61 -39.04 26.34 8.62
C ASP C 61 -39.96 25.92 7.47
N GLY C 62 -40.28 24.63 7.42
CA GLY C 62 -41.11 24.11 6.36
C GLY C 62 -40.41 23.87 5.03
N TYR C 63 -39.10 24.11 4.95
CA TYR C 63 -38.32 23.89 3.74
C TYR C 63 -37.59 22.55 3.85
N PRO C 64 -37.75 21.63 2.90
CA PRO C 64 -37.01 20.36 2.95
C PRO C 64 -35.60 20.55 2.40
N SER C 65 -34.61 20.49 3.29
CA SER C 65 -33.21 20.67 2.92
C SER C 65 -32.59 19.28 2.79
N TYR C 66 -32.27 18.87 1.56
CA TYR C 66 -31.91 17.49 1.26
C TYR C 66 -30.39 17.28 1.24
N PHE C 67 -29.94 16.17 1.85
CA PHE C 67 -28.61 15.64 1.59
C PHE C 67 -28.51 15.03 0.21
N ASP C 68 -29.61 14.42 -0.26
CA ASP C 68 -29.75 13.80 -1.56
C ASP C 68 -31.24 13.78 -1.87
N CYS C 69 -31.58 13.95 -3.15
CA CYS C 69 -33.01 13.87 -3.50
C CYS C 69 -33.14 13.47 -4.97
N PHE C 70 -34.28 12.90 -5.27
CA PHE C 70 -34.54 12.17 -6.50
C PHE C 70 -35.97 12.48 -6.92
N ASN C 71 -36.16 12.87 -8.17
CA ASN C 71 -37.51 13.23 -8.60
C ASN C 71 -38.22 12.06 -9.28
N GLU C 72 -39.55 12.18 -9.36
CA GLU C 72 -40.38 11.12 -9.93
C GLU C 72 -40.03 10.80 -11.37
N ASP C 73 -39.27 11.66 -12.04
CA ASP C 73 -38.90 11.41 -13.43
C ASP C 73 -37.53 10.77 -13.57
N GLY C 74 -36.95 10.30 -12.47
CA GLY C 74 -35.73 9.52 -12.54
C GLY C 74 -34.43 10.30 -12.55
N LEU C 75 -34.45 11.59 -12.23
CA LEU C 75 -33.23 12.37 -12.12
C LEU C 75 -33.00 12.74 -10.65
N GLY C 76 -31.73 12.69 -10.23
CA GLY C 76 -31.40 12.94 -8.85
C GLY C 76 -30.07 13.64 -8.67
N ILE C 77 -29.81 14.03 -7.43
CA ILE C 77 -28.63 14.78 -7.06
C ILE C 77 -28.27 14.46 -5.62
N ALA C 78 -26.97 14.38 -5.33
CA ALA C 78 -26.50 14.23 -3.97
C ALA C 78 -25.40 15.23 -3.71
N GLY C 79 -25.43 15.86 -2.55
CA GLY C 79 -24.39 16.80 -2.14
C GLY C 79 -23.46 16.10 -1.16
N LEU C 80 -22.16 16.20 -1.44
CA LEU C 80 -21.12 15.51 -0.68
C LEU C 80 -20.09 16.53 -0.22
N ASN C 81 -19.47 16.27 0.92
CA ASN C 81 -18.49 17.21 1.47
C ASN C 81 -17.35 17.44 0.47
N PHE C 82 -16.91 18.70 0.39
CA PHE C 82 -15.86 19.14 -0.52
C PHE C 82 -14.97 20.14 0.20
N PRO C 83 -14.45 19.80 1.38
CA PRO C 83 -13.74 20.80 2.20
C PRO C 83 -12.41 21.23 1.57
N HIS C 84 -11.98 22.44 1.90
CA HIS C 84 -10.73 23.01 1.40
C HIS C 84 -10.78 23.31 -0.09
N PHE C 85 -11.96 23.23 -0.70
CA PHE C 85 -12.10 23.48 -2.13
C PHE C 85 -13.35 24.32 -2.39
N ALA C 86 -14.49 23.86 -1.88
CA ALA C 86 -15.75 24.52 -2.18
C ALA C 86 -15.69 25.99 -1.81
N LYS C 87 -16.08 26.84 -2.77
CA LYS C 87 -16.07 28.27 -2.57
C LYS C 87 -17.15 28.88 -3.45
N PHE C 88 -18.13 29.54 -2.85
CA PHE C 88 -19.22 30.12 -3.61
C PHE C 88 -19.11 31.64 -3.56
N SER C 89 -19.88 32.32 -4.41
CA SER C 89 -19.65 33.75 -4.59
C SER C 89 -20.23 34.55 -3.41
N ASP C 90 -19.68 35.74 -3.23
CA ASP C 90 -20.09 36.60 -2.10
C ASP C 90 -21.57 36.98 -2.20
N GLY C 91 -22.03 37.32 -3.38
CA GLY C 91 -23.42 37.69 -3.56
C GLY C 91 -23.94 37.29 -4.92
N PRO C 92 -25.20 37.62 -5.20
CA PRO C 92 -25.75 37.32 -6.52
C PRO C 92 -25.05 38.16 -7.58
N ILE C 93 -25.09 37.67 -8.81
CA ILE C 93 -24.50 38.34 -9.96
C ILE C 93 -25.63 38.63 -10.95
N ASP C 94 -25.76 39.88 -11.36
CA ASP C 94 -26.85 40.23 -12.27
C ASP C 94 -26.66 39.54 -13.62
N GLY C 95 -27.76 39.03 -14.17
CA GLY C 95 -27.71 38.26 -15.39
C GLY C 95 -27.62 36.75 -15.19
N LYS C 96 -27.21 36.30 -14.02
CA LYS C 96 -27.08 34.87 -13.75
C LYS C 96 -28.35 34.32 -13.10
N ILE C 97 -28.53 33.01 -13.24
CA ILE C 97 -29.46 32.27 -12.37
C ILE C 97 -28.75 32.12 -11.02
N ASN C 98 -29.11 32.96 -10.05
CA ASN C 98 -28.43 32.97 -8.76
C ASN C 98 -29.13 32.03 -7.78
N LEU C 99 -28.35 31.13 -7.18
CA LEU C 99 -28.82 30.14 -6.22
C LEU C 99 -27.93 30.14 -5.01
N ALA C 100 -28.51 30.28 -3.81
CA ALA C 100 -27.77 29.90 -2.63
C ALA C 100 -27.44 28.42 -2.76
N SER C 101 -26.25 28.02 -2.31
CA SER C 101 -25.76 26.69 -2.70
C SER C 101 -26.74 25.60 -2.29
N TYR C 102 -27.38 25.72 -1.13
CA TYR C 102 -28.30 24.68 -0.68
C TYR C 102 -29.51 24.56 -1.62
N GLU C 103 -29.79 25.58 -2.42
CA GLU C 103 -30.95 25.59 -3.29
C GLU C 103 -30.75 24.74 -4.53
N ILE C 104 -29.53 24.33 -4.83
CA ILE C 104 -29.30 23.55 -6.04
C ILE C 104 -30.03 22.21 -5.99
N MET C 105 -30.29 21.68 -4.80
CA MET C 105 -30.92 20.38 -4.68
C MET C 105 -32.30 20.39 -5.33
N LEU C 106 -33.17 21.30 -4.88
CA LEU C 106 -34.51 21.37 -5.45
C LEU C 106 -34.54 22.04 -6.81
N TRP C 107 -33.62 23.00 -7.08
CA TRP C 107 -33.61 23.62 -8.40
C TRP C 107 -33.34 22.59 -9.48
N VAL C 108 -32.41 21.68 -9.23
CA VAL C 108 -32.10 20.63 -10.20
C VAL C 108 -33.29 19.67 -10.33
N THR C 109 -33.82 19.18 -9.20
CA THR C 109 -34.78 18.10 -9.32
C THR C 109 -36.13 18.57 -9.79
N GLN C 110 -36.42 19.87 -9.66
CA GLN C 110 -37.71 20.40 -10.06
C GLN C 110 -37.78 20.80 -11.52
N ASN C 111 -36.66 21.24 -12.11
CA ASN C 111 -36.68 21.87 -13.42
C ASN C 111 -36.14 20.99 -14.53
N PHE C 112 -35.73 19.76 -14.24
CA PHE C 112 -35.01 18.96 -15.23
C PHE C 112 -35.34 17.49 -15.08
N THR C 113 -35.32 16.79 -16.21
CA THR C 113 -35.38 15.35 -16.28
C THR C 113 -34.21 14.75 -17.04
N LYS C 114 -33.42 15.56 -17.72
CA LYS C 114 -32.28 15.10 -18.50
C LYS C 114 -31.03 15.84 -18.03
N VAL C 115 -29.97 15.07 -17.75
CA VAL C 115 -28.71 15.68 -17.33
C VAL C 115 -28.16 16.60 -18.40
N SER C 116 -28.44 16.32 -19.68
CA SER C 116 -27.92 17.19 -20.73
C SER C 116 -28.54 18.58 -20.66
N ASP C 117 -29.80 18.67 -20.24
CA ASP C 117 -30.39 19.99 -20.01
C ASP C 117 -29.76 20.67 -18.80
N VAL C 118 -29.51 19.90 -17.73
CA VAL C 118 -28.82 20.47 -16.57
C VAL C 118 -27.48 21.07 -16.97
N LYS C 119 -26.69 20.30 -17.73
CA LYS C 119 -25.37 20.76 -18.17
C LYS C 119 -25.47 22.08 -18.91
N GLU C 120 -26.45 22.19 -19.81
CA GLU C 120 -26.64 23.41 -20.58
C GLU C 120 -27.02 24.57 -19.67
N ALA C 121 -27.95 24.35 -18.74
CA ALA C 121 -28.44 25.43 -17.90
C ALA C 121 -27.39 25.92 -16.91
N LEU C 122 -26.52 25.03 -16.43
CA LEU C 122 -25.52 25.42 -15.45
C LEU C 122 -24.53 26.44 -16.01
N LYS C 123 -24.44 26.57 -17.34
CA LYS C 123 -23.59 27.58 -17.94
C LYS C 123 -23.95 28.98 -17.49
N ASN C 124 -25.19 29.22 -17.02
CA ASN C 124 -25.56 30.54 -16.54
C ASN C 124 -25.91 30.56 -15.05
N VAL C 125 -25.49 29.54 -14.28
CA VAL C 125 -25.83 29.48 -12.87
C VAL C 125 -24.67 30.07 -12.06
N ASN C 126 -25.03 30.81 -11.01
CA ASN C 126 -24.07 31.33 -10.05
C ASN C 126 -24.49 30.86 -8.66
N LEU C 127 -23.61 30.10 -8.00
CA LEU C 127 -23.88 29.65 -6.65
C LEU C 127 -23.38 30.68 -5.65
N VAL C 128 -24.21 30.96 -4.65
CA VAL C 128 -23.97 32.06 -3.72
C VAL C 128 -23.71 31.50 -2.32
N ASN C 129 -22.76 32.14 -1.64
CA ASN C 129 -22.33 31.75 -0.29
C ASN C 129 -23.33 32.26 0.73
N GLU C 130 -24.49 31.62 0.77
CA GLU C 130 -25.53 32.04 1.72
C GLU C 130 -26.27 30.81 2.19
N ALA C 131 -26.53 30.74 3.50
CA ALA C 131 -27.23 29.59 4.05
C ALA C 131 -28.72 29.88 4.12
N ILE C 132 -29.50 28.86 4.53
CA ILE C 132 -30.95 29.05 4.55
C ILE C 132 -31.33 30.10 5.58
N ASN C 133 -30.59 30.20 6.68
CA ASN C 133 -30.81 31.30 7.62
C ASN C 133 -29.57 31.47 8.49
N SER C 134 -29.58 32.53 9.30
CA SER C 134 -28.43 32.94 10.08
C SER C 134 -27.91 31.83 10.99
N SER C 135 -28.76 30.89 11.39
CA SER C 135 -28.35 29.88 12.37
C SER C 135 -27.59 28.70 11.73
N PHE C 136 -27.34 28.73 10.43
CA PHE C 136 -26.66 27.64 9.73
C PHE C 136 -25.40 28.15 9.06
N ALA C 137 -24.35 27.33 9.06
CA ALA C 137 -23.20 27.60 8.22
C ALA C 137 -23.47 27.11 6.80
N VAL C 138 -22.76 27.69 5.84
CA VAL C 138 -22.83 27.21 4.47
C VAL C 138 -21.95 25.97 4.35
N ALA C 139 -22.51 24.89 3.85
CA ALA C 139 -21.78 23.63 3.79
C ALA C 139 -20.87 23.63 2.55
N PRO C 140 -19.60 23.24 2.68
CA PRO C 140 -18.73 23.18 1.51
C PRO C 140 -18.95 21.92 0.69
N LEU C 141 -19.93 21.93 -0.21
CA LEU C 141 -20.35 20.75 -0.95
C LEU C 141 -19.87 20.78 -2.41
N HIS C 142 -19.75 19.60 -2.99
CA HIS C 142 -19.88 19.42 -4.44
C HIS C 142 -20.99 18.39 -4.68
N TRP C 143 -21.37 18.19 -5.94
CA TRP C 143 -22.59 17.44 -6.24
C TRP C 143 -22.35 16.45 -7.36
N ILE C 144 -23.02 15.31 -7.27
CA ILE C 144 -23.15 14.38 -8.39
C ILE C 144 -24.62 14.37 -8.79
N ILE C 145 -24.86 14.50 -10.09
CA ILE C 145 -26.21 14.53 -10.66
C ILE C 145 -26.30 13.42 -11.69
N SER C 146 -27.39 12.66 -11.67
CA SER C 146 -27.51 11.56 -12.62
C SER C 146 -28.96 11.35 -13.07
N ASP C 147 -29.11 11.00 -14.34
CA ASP C 147 -30.27 10.32 -14.87
C ASP C 147 -29.80 8.95 -15.38
N LYS C 148 -30.67 8.26 -16.12
CA LYS C 148 -30.32 6.91 -16.55
C LYS C 148 -29.21 6.90 -17.59
N ASP C 149 -28.93 8.02 -18.24
CA ASP C 149 -27.97 8.03 -19.33
C ASP C 149 -26.60 8.56 -18.94
N GLU C 150 -26.51 9.46 -17.95
CA GLU C 150 -25.24 10.12 -17.69
C GLU C 150 -25.25 10.68 -16.27
N ALA C 151 -24.07 10.69 -15.67
CA ALA C 151 -23.82 11.37 -14.40
C ALA C 151 -22.84 12.50 -14.65
N ILE C 152 -23.05 13.62 -13.98
CA ILE C 152 -22.11 14.73 -14.04
C ILE C 152 -21.72 15.12 -12.63
N ILE C 153 -20.52 15.69 -12.52
CA ILE C 153 -20.04 16.27 -11.28
C ILE C 153 -20.06 17.78 -11.40
N VAL C 154 -20.55 18.46 -10.37
CA VAL C 154 -20.54 19.91 -10.33
C VAL C 154 -19.66 20.32 -9.17
N GLU C 155 -18.60 21.07 -9.46
CA GLU C 155 -17.69 21.58 -8.45
C GLU C 155 -17.46 23.07 -8.69
N VAL C 156 -17.61 23.87 -7.65
CA VAL C 156 -17.32 25.30 -7.70
C VAL C 156 -16.26 25.54 -6.64
N SER C 157 -15.04 25.88 -7.08
CA SER C 157 -13.92 26.01 -6.14
C SER C 157 -13.29 27.39 -6.26
N LYS C 158 -12.67 27.82 -5.16
CA LYS C 158 -11.77 28.96 -5.23
C LYS C 158 -10.64 28.70 -6.22
N GLN C 159 -10.17 27.45 -6.29
CA GLN C 159 -9.06 27.11 -7.19
C GLN C 159 -9.46 27.27 -8.66
N TYR C 160 -10.63 26.74 -9.04
CA TYR C 160 -10.97 26.57 -10.46
C TYR C 160 -12.30 27.16 -10.87
N GLY C 161 -13.02 27.83 -9.97
CA GLY C 161 -14.34 28.28 -10.37
C GLY C 161 -15.29 27.09 -10.57
N MET C 162 -16.26 27.29 -11.46
CA MET C 162 -17.29 26.26 -11.69
C MET C 162 -16.84 25.32 -12.81
N LYS C 163 -16.79 24.02 -12.49
CA LYS C 163 -16.46 22.97 -13.43
C LYS C 163 -17.58 21.93 -13.41
N VAL C 164 -17.89 21.38 -14.58
CA VAL C 164 -18.89 20.34 -14.73
C VAL C 164 -18.25 19.20 -15.51
N PHE C 165 -18.27 17.99 -14.92
CA PHE C 165 -17.59 16.85 -15.53
C PHE C 165 -18.57 15.75 -15.83
N ASP C 166 -18.33 15.05 -16.95
CA ASP C 166 -18.96 13.76 -17.20
C ASP C 166 -18.30 12.71 -16.31
N ASP C 167 -19.11 11.95 -15.58
CA ASP C 167 -18.61 10.99 -14.60
C ASP C 167 -18.93 9.57 -15.08
N LYS C 168 -18.11 9.08 -16.02
CA LYS C 168 -18.34 7.73 -16.53
C LYS C 168 -18.11 6.65 -15.47
N LEU C 169 -17.33 6.95 -14.41
CA LEU C 169 -17.08 5.94 -13.38
C LEU C 169 -18.29 5.76 -12.46
N GLY C 170 -19.23 6.69 -12.49
CA GLY C 170 -20.41 6.57 -11.66
C GLY C 170 -20.16 6.77 -10.18
N VAL C 171 -19.05 7.40 -9.79
CA VAL C 171 -18.76 7.54 -8.37
C VAL C 171 -18.23 8.93 -8.07
N LEU C 172 -18.34 9.28 -6.79
CA LEU C 172 -17.83 10.54 -6.27
C LEU C 172 -17.55 10.34 -4.78
N THR C 173 -16.47 10.93 -4.28
CA THR C 173 -16.27 10.94 -2.84
C THR C 173 -16.09 12.38 -2.37
N ASN C 174 -14.92 12.71 -1.83
CA ASN C 174 -14.74 14.06 -1.29
C ASN C 174 -13.49 14.67 -1.89
N SER C 175 -12.81 15.54 -1.14
CA SER C 175 -11.72 16.32 -1.72
C SER C 175 -10.48 15.45 -1.98
N PRO C 176 -9.61 15.85 -2.92
CA PRO C 176 -9.70 17.10 -3.70
C PRO C 176 -10.62 17.02 -4.93
N ASP C 177 -10.34 17.83 -5.94
CA ASP C 177 -11.28 18.02 -7.05
C ASP C 177 -11.33 16.79 -7.95
N PHE C 178 -12.37 16.75 -8.78
CA PHE C 178 -12.71 15.53 -9.52
C PHE C 178 -11.65 15.19 -10.56
N ASN C 179 -11.10 16.19 -11.25
CA ASN C 179 -10.05 15.87 -12.21
C ASN C 179 -8.79 15.33 -11.53
N TRP C 180 -8.51 15.74 -10.29
CA TRP C 180 -7.40 15.13 -9.56
C TRP C 180 -7.61 13.63 -9.40
N HIS C 181 -8.85 13.23 -9.04
CA HIS C 181 -9.16 11.82 -8.81
C HIS C 181 -9.08 11.03 -10.11
N LEU C 182 -9.68 11.55 -11.20
CA LEU C 182 -9.54 10.91 -12.50
C LEU C 182 -8.08 10.68 -12.82
N THR C 183 -7.26 11.71 -12.60
CA THR C 183 -5.83 11.60 -12.90
C THR C 183 -5.18 10.54 -12.02
N ASN C 184 -5.60 10.43 -10.76
CA ASN C 184 -5.03 9.45 -9.85
C ASN C 184 -5.26 8.02 -10.33
N LEU C 185 -6.40 7.77 -11.00
CA LEU C 185 -6.72 6.42 -11.43
C LEU C 185 -5.62 5.81 -12.30
N GLY C 186 -4.95 6.64 -13.11
CA GLY C 186 -3.86 6.15 -13.94
C GLY C 186 -2.74 5.50 -13.17
N ASN C 187 -2.56 5.89 -11.91
CA ASN C 187 -1.54 5.28 -11.07
C ASN C 187 -1.94 3.89 -10.56
N TYR C 188 -3.17 3.46 -10.82
CA TYR C 188 -3.65 2.16 -10.34
C TYR C 188 -3.96 1.19 -11.47
N THR C 189 -3.43 1.45 -12.67
CA THR C 189 -3.67 0.54 -13.79
C THR C 189 -3.03 -0.83 -13.55
N GLY C 190 -2.12 -0.95 -12.59
CA GLY C 190 -1.64 -2.28 -12.21
C GLY C 190 -2.71 -3.17 -11.59
N LEU C 191 -3.85 -2.59 -11.18
CA LEU C 191 -4.91 -3.41 -10.58
C LEU C 191 -5.51 -4.36 -11.61
N ASP C 192 -5.75 -5.61 -11.19
CA ASP C 192 -6.33 -6.57 -12.12
C ASP C 192 -7.21 -7.53 -11.35
N PRO C 193 -8.50 -7.63 -11.69
CA PRO C 193 -9.36 -8.62 -10.99
C PRO C 193 -8.85 -10.04 -11.10
N HIS C 194 -8.12 -10.38 -12.16
CA HIS C 194 -7.65 -11.75 -12.33
C HIS C 194 -6.53 -12.08 -11.36
N ASP C 195 -6.69 -13.21 -10.67
CA ASP C 195 -5.68 -13.68 -9.73
C ASP C 195 -4.33 -13.87 -10.42
N ALA C 196 -3.26 -13.64 -9.68
CA ALA C 196 -1.95 -14.09 -10.10
C ALA C 196 -1.87 -15.62 -9.93
N THR C 197 -0.82 -16.22 -10.47
CA THR C 197 -0.60 -17.66 -10.36
C THR C 197 0.84 -17.91 -9.91
N ALA C 198 1.17 -19.19 -9.71
CA ALA C 198 2.43 -19.56 -9.09
C ALA C 198 3.60 -19.11 -9.96
N GLN C 199 4.63 -18.57 -9.29
CA GLN C 199 5.82 -18.06 -9.92
C GLN C 199 7.07 -18.77 -9.37
N SER C 200 8.15 -18.69 -10.14
CA SER C 200 9.45 -19.15 -9.71
C SER C 200 10.35 -17.94 -9.55
N TRP C 201 10.71 -17.63 -8.30
CA TRP C 201 11.64 -16.55 -8.00
C TRP C 201 13.01 -17.21 -7.85
N ASN C 202 13.75 -17.26 -8.95
CA ASN C 202 15.02 -17.98 -9.01
C ASN C 202 14.88 -19.38 -8.40
N GLY C 203 13.85 -20.11 -8.81
CA GLY C 203 13.65 -21.47 -8.37
C GLY C 203 12.90 -21.63 -7.06
N GLN C 204 12.67 -20.56 -6.30
CA GLN C 204 11.78 -20.63 -5.15
C GLN C 204 10.33 -20.46 -5.60
N LYS C 205 9.49 -21.43 -5.22
CA LYS C 205 8.09 -21.37 -5.62
C LYS C 205 7.36 -20.32 -4.79
N VAL C 206 6.76 -19.35 -5.47
CA VAL C 206 6.04 -18.26 -4.82
C VAL C 206 4.65 -18.26 -5.43
N ALA C 207 3.64 -18.59 -4.63
CA ALA C 207 2.30 -18.84 -5.15
C ALA C 207 1.25 -18.29 -4.20
N PRO C 208 0.12 -17.82 -4.72
CA PRO C 208 -0.92 -17.24 -3.85
C PRO C 208 -1.40 -18.25 -2.83
N TRP C 209 -1.77 -17.74 -1.65
CA TRP C 209 -2.38 -18.56 -0.61
C TRP C 209 -3.90 -18.56 -0.72
N GLY C 210 -4.46 -17.55 -1.35
CA GLY C 210 -5.89 -17.42 -1.53
C GLY C 210 -6.14 -16.54 -2.73
N VAL C 211 -7.42 -16.41 -3.09
CA VAL C 211 -7.80 -15.57 -4.23
C VAL C 211 -7.67 -14.09 -3.86
N GLY C 212 -7.55 -13.25 -4.89
CA GLY C 212 -7.54 -11.80 -4.74
C GLY C 212 -6.22 -11.13 -5.02
N THR C 213 -5.19 -11.87 -5.42
CA THR C 213 -3.84 -11.34 -5.49
C THR C 213 -3.65 -10.32 -6.61
N GLY C 214 -4.56 -10.27 -7.58
CA GLY C 214 -4.40 -9.29 -8.67
C GLY C 214 -4.70 -7.87 -8.27
N SER C 215 -5.42 -7.67 -7.17
CA SER C 215 -5.73 -6.33 -6.69
C SER C 215 -4.75 -5.84 -5.63
N LEU C 216 -3.56 -6.42 -5.57
CA LEU C 216 -2.47 -5.90 -4.75
C LEU C 216 -2.36 -4.38 -4.86
N GLY C 217 -2.31 -3.70 -3.71
CA GLY C 217 -2.22 -2.25 -3.66
C GLY C 217 -3.55 -1.52 -3.67
N LEU C 218 -4.67 -2.22 -3.73
CA LEU C 218 -5.98 -1.58 -3.64
C LEU C 218 -6.16 -1.03 -2.23
N PRO C 219 -6.40 0.27 -2.07
CA PRO C 219 -6.42 0.85 -0.72
C PRO C 219 -7.73 0.58 0.00
N GLY C 220 -7.63 0.35 1.30
CA GLY C 220 -8.81 -0.01 2.08
C GLY C 220 -9.17 0.97 3.18
N ASP C 221 -8.40 2.05 3.29
CA ASP C 221 -8.67 3.10 4.26
C ASP C 221 -9.73 4.06 3.72
N SER C 222 -10.04 5.09 4.51
CA SER C 222 -11.17 5.98 4.23
C SER C 222 -10.76 7.35 3.68
N ILE C 223 -9.47 7.59 3.46
CA ILE C 223 -9.04 8.79 2.75
C ILE C 223 -9.88 8.93 1.49
N PRO C 224 -10.41 10.11 1.16
CA PRO C 224 -11.34 10.21 0.01
C PRO C 224 -10.75 9.71 -1.29
N ALA C 225 -9.47 10.01 -1.57
CA ALA C 225 -8.84 9.52 -2.79
C ALA C 225 -8.79 7.99 -2.85
N ASP C 226 -8.69 7.34 -1.69
CA ASP C 226 -8.60 5.88 -1.71
C ASP C 226 -9.97 5.25 -1.87
N ARG C 227 -10.99 5.81 -1.21
CA ARG C 227 -12.36 5.36 -1.46
C ARG C 227 -12.77 5.62 -2.91
N PHE C 228 -12.28 6.72 -3.52
CA PHE C 228 -12.59 6.97 -4.93
C PHE C 228 -12.04 5.86 -5.81
N VAL C 229 -10.76 5.55 -5.66
CA VAL C 229 -10.15 4.48 -6.45
C VAL C 229 -10.93 3.18 -6.29
N LYS C 230 -11.18 2.78 -5.04
CA LYS C 230 -11.83 1.49 -4.82
C LYS C 230 -13.27 1.50 -5.33
N ALA C 231 -14.04 2.54 -4.99
CA ALA C 231 -15.42 2.60 -5.50
C ALA C 231 -15.45 2.52 -7.02
N ALA C 232 -14.55 3.25 -7.69
CA ALA C 232 -14.53 3.24 -9.15
C ALA C 232 -14.18 1.86 -9.68
N TYR C 233 -13.11 1.27 -9.14
CA TYR C 233 -12.72 -0.08 -9.53
C TYR C 233 -13.88 -1.06 -9.34
N LEU C 234 -14.56 -0.99 -8.21
CA LEU C 234 -15.63 -1.97 -7.96
C LEU C 234 -16.81 -1.73 -8.88
N ASN C 235 -17.19 -0.47 -9.11
CA ASN C 235 -18.36 -0.20 -9.93
C ASN C 235 -18.13 -0.67 -11.36
N VAL C 236 -16.97 -0.35 -11.94
CA VAL C 236 -16.78 -0.67 -13.35
C VAL C 236 -16.57 -2.16 -13.55
N ASN C 237 -16.14 -2.90 -12.53
CA ASN C 237 -15.93 -4.33 -12.69
C ASN C 237 -17.11 -5.18 -12.21
N TYR C 238 -18.09 -4.57 -11.56
CA TYR C 238 -19.25 -5.32 -11.12
C TYR C 238 -20.10 -5.69 -12.34
N PRO C 239 -20.45 -6.96 -12.53
CA PRO C 239 -21.30 -7.31 -13.68
C PRO C 239 -22.63 -6.57 -13.62
N THR C 240 -23.23 -6.41 -14.80
CA THR C 240 -24.63 -6.00 -14.86
C THR C 240 -25.52 -7.14 -14.38
N VAL C 241 -26.50 -6.81 -13.53
CA VAL C 241 -27.39 -7.81 -12.93
C VAL C 241 -28.84 -7.44 -13.23
N LYS C 242 -29.73 -8.41 -13.06
CA LYS C 242 -31.12 -8.32 -13.52
C LYS C 242 -32.08 -8.23 -12.35
N GLY C 243 -32.99 -7.25 -12.41
CA GLY C 243 -34.10 -7.16 -11.49
C GLY C 243 -33.82 -6.24 -10.31
N GLU C 244 -34.91 -5.80 -9.67
CA GLU C 244 -34.82 -4.80 -8.62
C GLU C 244 -34.01 -5.32 -7.42
N LYS C 245 -34.35 -6.51 -6.92
CA LYS C 245 -33.66 -7.03 -5.74
C LYS C 245 -32.17 -7.16 -6.00
N ALA C 246 -31.79 -7.74 -7.14
CA ALA C 246 -30.37 -7.96 -7.42
C ALA C 246 -29.62 -6.64 -7.63
N ASN C 247 -30.28 -5.65 -8.22
CA ASN C 247 -29.58 -4.39 -8.45
C ASN C 247 -29.45 -3.59 -7.16
N VAL C 248 -30.47 -3.62 -6.30
CA VAL C 248 -30.35 -2.94 -5.01
C VAL C 248 -29.27 -3.58 -4.16
N ALA C 249 -29.18 -4.92 -4.18
CA ALA C 249 -28.15 -5.59 -3.39
C ALA C 249 -26.75 -5.24 -3.89
N LYS C 250 -26.56 -5.28 -5.21
CA LYS C 250 -25.31 -4.87 -5.83
C LYS C 250 -24.90 -3.47 -5.37
N PHE C 251 -25.87 -2.55 -5.38
CA PHE C 251 -25.64 -1.18 -4.93
C PHE C 251 -25.13 -1.17 -3.49
N PHE C 252 -25.85 -1.82 -2.58
CA PHE C 252 -25.42 -1.85 -1.19
C PHE C 252 -24.15 -2.67 -1.00
N ASN C 253 -23.93 -3.71 -1.81
CA ASN C 253 -22.65 -4.44 -1.72
C ASN C 253 -21.47 -3.50 -1.96
N ILE C 254 -21.56 -2.67 -3.02
CA ILE C 254 -20.47 -1.78 -3.36
C ILE C 254 -20.29 -0.72 -2.29
N LEU C 255 -21.38 -0.02 -1.91
CA LEU C 255 -21.26 1.09 -0.98
C LEU C 255 -20.91 0.62 0.44
N LYS C 256 -21.37 -0.57 0.85
CA LYS C 256 -20.97 -1.04 2.16
C LYS C 256 -19.52 -1.46 2.17
N SER C 257 -18.98 -1.81 1.00
CA SER C 257 -17.57 -2.17 0.90
C SER C 257 -16.68 -0.96 1.16
N VAL C 258 -17.12 0.24 0.77
CA VAL C 258 -16.32 1.44 0.95
C VAL C 258 -16.86 2.33 2.07
N ALA C 259 -17.72 1.78 2.93
CA ALA C 259 -18.23 2.54 4.05
C ALA C 259 -17.13 2.91 5.02
N MET C 260 -17.35 4.00 5.75
CA MET C 260 -16.44 4.44 6.81
C MET C 260 -16.91 3.81 8.12
N ILE C 261 -16.11 2.91 8.69
CA ILE C 261 -16.56 2.04 9.77
C ILE C 261 -16.33 2.73 11.11
N LYS C 262 -17.36 2.72 11.96
CA LYS C 262 -17.28 3.44 13.22
C LYS C 262 -16.13 2.93 14.08
N GLY C 263 -15.40 3.87 14.70
CA GLY C 263 -14.24 3.56 15.48
C GLY C 263 -12.94 3.53 14.69
N SER C 264 -13.02 3.40 13.38
CA SER C 264 -11.81 3.32 12.57
C SER C 264 -11.30 4.69 12.13
N VAL C 265 -12.08 5.75 12.32
CA VAL C 265 -11.70 7.11 11.93
C VAL C 265 -12.10 8.06 13.07
N VAL C 266 -11.11 8.75 13.63
CA VAL C 266 -11.37 9.76 14.66
C VAL C 266 -10.80 11.07 14.16
N ASN C 267 -11.65 12.10 14.07
CA ASN C 267 -11.22 13.35 13.47
C ASN C 267 -10.42 14.17 14.49
N LYS C 268 -9.88 15.30 14.02
CA LYS C 268 -8.96 16.09 14.84
C LYS C 268 -9.63 16.59 16.11
N LEU C 269 -10.95 16.62 16.16
CA LEU C 269 -11.66 17.07 17.35
C LEU C 269 -11.99 15.95 18.31
N GLY C 270 -11.58 14.72 18.03
CA GLY C 270 -11.85 13.59 18.91
C GLY C 270 -13.14 12.84 18.63
N SER C 271 -13.79 13.09 17.50
CA SER C 271 -15.09 12.50 17.20
C SER C 271 -14.96 11.39 16.18
N ASP C 272 -15.70 10.29 16.39
CA ASP C 272 -15.81 9.26 15.37
C ASP C 272 -16.50 9.80 14.13
N GLU C 273 -15.95 9.49 12.95
CA GLU C 273 -16.62 9.75 11.68
C GLU C 273 -16.90 8.42 11.01
N TYR C 274 -18.12 8.24 10.53
CA TYR C 274 -18.48 6.95 9.97
C TYR C 274 -19.71 7.11 9.08
N THR C 275 -20.03 6.04 8.36
CA THR C 275 -21.19 6.02 7.48
C THR C 275 -22.45 5.91 8.32
N VAL C 276 -23.20 7.01 8.43
CA VAL C 276 -24.41 6.99 9.26
C VAL C 276 -25.59 6.35 8.52
N TYR C 277 -25.67 6.50 7.20
CA TYR C 277 -26.67 5.79 6.44
C TYR C 277 -26.14 5.54 5.04
N THR C 278 -26.70 4.51 4.41
CA THR C 278 -26.54 4.21 2.99
C THR C 278 -27.94 4.24 2.38
N ALA C 279 -28.07 4.89 1.22
CA ALA C 279 -29.37 5.01 0.58
C ALA C 279 -29.24 4.76 -0.92
N CYS C 280 -30.29 4.18 -1.49
CA CYS C 280 -30.37 3.87 -2.91
C CYS C 280 -31.74 4.27 -3.43
N TYR C 281 -31.80 5.09 -4.47
CA TYR C 281 -33.04 5.38 -5.17
C TYR C 281 -33.11 4.49 -6.41
N SER C 282 -34.20 3.72 -6.52
CA SER C 282 -34.51 2.97 -7.74
C SER C 282 -35.50 3.78 -8.56
N ALA C 283 -35.03 4.34 -9.70
CA ALA C 283 -35.93 5.12 -10.56
C ALA C 283 -37.08 4.26 -11.06
N ALA C 284 -36.82 2.97 -11.34
CA ALA C 284 -37.84 2.13 -11.94
C ALA C 284 -39.05 1.96 -11.02
N THR C 285 -38.81 1.80 -9.71
CA THR C 285 -39.88 1.64 -8.75
C THR C 285 -40.12 2.90 -7.92
N LYS C 286 -39.44 4.00 -8.21
CA LYS C 286 -39.58 5.23 -7.44
C LYS C 286 -39.47 4.94 -5.94
N THR C 287 -38.57 4.04 -5.59
CA THR C 287 -38.39 3.63 -4.21
C THR C 287 -37.03 4.06 -3.68
N TYR C 288 -37.03 4.65 -2.50
CA TYR C 288 -35.83 5.03 -1.77
C TYR C 288 -35.58 3.96 -0.70
N TYR C 289 -34.48 3.22 -0.84
CA TYR C 289 -34.05 2.21 0.12
C TYR C 289 -32.96 2.81 1.00
N CYS C 290 -33.02 2.56 2.32
CA CYS C 290 -31.88 2.97 3.12
C CYS C 290 -31.73 2.07 4.36
N ASN C 291 -30.50 2.04 4.90
CA ASN C 291 -30.29 1.49 6.22
C ASN C 291 -29.29 2.39 6.94
N PHE C 292 -29.08 2.11 8.22
CA PHE C 292 -28.37 3.01 9.11
C PHE C 292 -27.27 2.26 9.84
N GLU C 293 -26.34 3.03 10.42
CA GLU C 293 -25.23 2.44 11.15
C GLU C 293 -25.70 1.56 12.31
N ASN C 294 -26.81 1.94 12.95
CA ASN C 294 -27.32 1.22 14.12
C ASN C 294 -28.59 0.44 13.82
N ASP C 295 -28.89 0.23 12.54
CA ASP C 295 -30.09 -0.56 12.18
C ASP C 295 -29.93 -0.98 10.72
N PHE C 296 -29.53 -2.24 10.50
CA PHE C 296 -29.13 -2.69 9.19
C PHE C 296 -30.30 -3.07 8.28
N GLU C 297 -31.52 -3.22 8.81
CA GLU C 297 -32.63 -3.63 7.96
C GLU C 297 -32.94 -2.55 6.93
N LEU C 298 -33.08 -2.97 5.68
CA LEU C 298 -33.43 -2.05 4.60
C LEU C 298 -34.83 -1.50 4.83
N LYS C 299 -34.96 -0.18 4.86
CA LYS C 299 -36.28 0.47 4.89
C LYS C 299 -36.60 1.03 3.52
N THR C 300 -37.88 1.02 3.15
CA THR C 300 -38.29 1.42 1.81
C THR C 300 -39.37 2.50 1.88
N TYR C 301 -39.23 3.49 1.01
CA TYR C 301 -40.10 4.66 0.92
C TYR C 301 -40.31 4.94 -0.56
N LYS C 302 -41.55 5.26 -0.94
CA LYS C 302 -41.92 5.25 -2.35
C LYS C 302 -42.68 6.52 -2.72
N LEU C 303 -42.37 7.05 -3.90
CA LEU C 303 -43.18 8.09 -4.52
C LEU C 303 -44.43 7.41 -5.08
N ASP C 304 -45.57 7.68 -4.46
CA ASP C 304 -46.85 7.04 -4.70
C ASP C 304 -47.85 8.06 -5.25
N ASP C 305 -48.92 7.53 -5.85
CA ASP C 305 -50.09 8.37 -6.08
C ASP C 305 -50.51 9.02 -4.78
N GLU C 306 -50.48 8.27 -3.68
CA GLU C 306 -50.76 8.85 -2.37
C GLU C 306 -49.72 9.92 -2.02
N THR C 307 -48.45 9.54 -1.97
CA THR C 307 -47.44 10.46 -1.43
C THR C 307 -47.16 11.60 -2.40
N MET C 308 -47.14 11.34 -3.70
CA MET C 308 -46.81 12.39 -4.65
C MET C 308 -47.84 13.52 -4.66
N ASN C 309 -49.07 13.26 -4.22
CA ASN C 309 -50.14 14.25 -4.25
C ASN C 309 -50.53 14.72 -2.87
N ALA C 310 -49.67 14.52 -1.87
CA ALA C 310 -50.02 14.89 -0.51
C ALA C 310 -50.17 16.40 -0.37
N ASP C 311 -50.80 16.80 0.74
CA ASP C 311 -51.01 18.21 1.06
C ASP C 311 -49.85 18.83 1.82
N LYS C 312 -48.89 18.02 2.30
CA LYS C 312 -47.82 18.51 3.14
C LYS C 312 -46.58 17.65 2.90
N LEU C 313 -45.45 18.09 3.47
CA LEU C 313 -44.28 17.22 3.51
C LEU C 313 -44.61 15.95 4.27
N ILE C 314 -44.14 14.82 3.76
CA ILE C 314 -44.29 13.53 4.43
C ILE C 314 -42.92 13.17 5.01
N THR C 315 -42.83 13.11 6.33
CA THR C 315 -41.55 12.90 7.02
C THR C 315 -41.62 11.62 7.85
N TYR C 316 -40.62 10.77 7.66
CA TYR C 316 -40.56 9.51 8.38
C TYR C 316 -39.46 9.57 9.44
N CYS D 2 -13.48 -16.16 2.84
CA CYS D 2 -14.37 -16.14 4.01
C CYS D 2 -13.80 -15.26 5.10
N THR D 3 -14.69 -14.65 5.89
CA THR D 3 -14.28 -13.94 7.10
C THR D 3 -15.22 -14.32 8.22
N GLY D 4 -14.66 -14.82 9.32
CA GLY D 4 -15.41 -15.03 10.53
C GLY D 4 -15.23 -13.88 11.50
N LEU D 5 -16.26 -13.64 12.30
CA LEU D 5 -16.30 -12.48 13.17
C LEU D 5 -17.13 -12.78 14.40
N ARG D 6 -16.63 -12.36 15.57
CA ARG D 6 -17.42 -12.39 16.80
C ARG D 6 -17.04 -11.23 17.71
N PHE D 7 -18.01 -10.81 18.51
CA PHE D 7 -17.81 -9.84 19.58
C PHE D 7 -19.02 -9.93 20.50
N THR D 8 -18.95 -9.23 21.64
CA THR D 8 -20.09 -9.17 22.56
C THR D 8 -20.47 -7.71 22.83
N ASP D 9 -21.68 -7.50 23.34
CA ASP D 9 -22.03 -6.19 23.90
C ASP D 9 -21.52 -6.16 25.33
N ASP D 10 -21.87 -5.13 26.11
CA ASP D 10 -21.29 -5.09 27.45
C ASP D 10 -22.03 -5.97 28.45
N GLN D 11 -22.99 -6.77 27.99
CA GLN D 11 -23.70 -7.72 28.83
C GLN D 11 -23.31 -9.16 28.52
N GLY D 12 -22.26 -9.38 27.76
CA GLY D 12 -21.91 -10.72 27.36
C GLY D 12 -22.80 -11.34 26.32
N ASN D 13 -23.58 -10.54 25.60
CA ASN D 13 -24.41 -11.06 24.53
C ASN D 13 -23.55 -11.23 23.28
N LEU D 14 -23.50 -12.46 22.77
CA LEU D 14 -22.60 -12.81 21.69
C LEU D 14 -23.22 -12.60 20.31
N TYR D 15 -22.44 -12.02 19.42
CA TYR D 15 -22.77 -11.91 18.01
C TYR D 15 -21.63 -12.52 17.22
N PHE D 16 -21.94 -13.52 16.39
CA PHE D 16 -20.93 -14.43 15.84
C PHE D 16 -21.42 -14.90 14.48
N GLY D 17 -20.60 -14.76 13.46
CA GLY D 17 -21.03 -15.11 12.11
C GLY D 17 -19.88 -15.05 11.13
N ARG D 18 -20.23 -14.97 9.84
CA ARG D 18 -19.22 -15.10 8.79
C ARG D 18 -19.76 -14.60 7.47
N ASN D 19 -18.82 -14.23 6.59
CA ASN D 19 -19.03 -14.18 5.14
C ASN D 19 -18.63 -15.52 4.55
N LEU D 20 -19.43 -16.02 3.60
CA LEU D 20 -19.03 -17.14 2.74
C LEU D 20 -18.61 -16.59 1.39
N ASP D 21 -17.35 -16.79 1.03
CA ASP D 21 -16.76 -16.26 -0.20
C ASP D 21 -16.42 -17.45 -1.09
N VAL D 22 -17.22 -17.67 -2.14
CA VAL D 22 -17.03 -18.79 -3.04
C VAL D 22 -17.30 -18.36 -4.48
N GLY D 23 -17.20 -19.31 -5.41
CA GLY D 23 -17.33 -19.03 -6.83
C GLY D 23 -18.74 -19.22 -7.37
N GLN D 24 -19.54 -20.00 -6.66
CA GLN D 24 -20.88 -20.34 -7.14
C GLN D 24 -21.75 -20.64 -5.93
N ASP D 25 -23.05 -20.36 -6.06
CA ASP D 25 -23.99 -20.81 -5.05
C ASP D 25 -23.95 -22.33 -4.97
N TYR D 26 -24.03 -22.87 -3.75
CA TYR D 26 -24.03 -24.30 -3.52
C TYR D 26 -25.42 -24.85 -3.24
N GLY D 27 -26.45 -24.02 -3.34
CA GLY D 27 -27.78 -24.45 -2.97
C GLY D 27 -28.04 -24.47 -1.49
N GLU D 28 -27.25 -23.72 -0.71
CA GLU D 28 -27.36 -23.77 0.73
C GLU D 28 -28.53 -22.92 1.21
N GLY D 29 -28.97 -23.21 2.44
CA GLY D 29 -30.04 -22.43 3.04
C GLY D 29 -30.03 -22.66 4.53
N VAL D 30 -30.86 -21.90 5.23
CA VAL D 30 -30.93 -22.03 6.67
C VAL D 30 -31.60 -23.36 7.04
N ILE D 31 -31.02 -24.05 8.01
CA ILE D 31 -31.49 -25.34 8.51
C ILE D 31 -31.52 -25.27 10.03
N ILE D 32 -32.67 -25.61 10.62
CA ILE D 32 -32.74 -25.81 12.07
C ILE D 32 -32.79 -27.31 12.33
N THR D 33 -31.83 -27.79 13.13
CA THR D 33 -31.81 -29.17 13.57
C THR D 33 -32.39 -29.23 14.97
N PRO D 34 -33.53 -29.87 15.18
CA PRO D 34 -34.16 -29.84 16.51
C PRO D 34 -33.50 -30.85 17.45
N ARG D 35 -33.93 -30.81 18.70
CA ARG D 35 -33.50 -31.80 19.69
C ARG D 35 -33.98 -33.19 19.31
N ASN D 36 -33.23 -34.20 19.74
CA ASN D 36 -33.63 -35.60 19.60
C ASN D 36 -33.71 -36.03 18.14
N TYR D 37 -32.87 -35.45 17.30
CA TYR D 37 -32.82 -35.79 15.89
C TYR D 37 -31.70 -36.78 15.62
N PRO D 38 -31.92 -37.76 14.74
CA PRO D 38 -30.88 -38.77 14.48
C PRO D 38 -29.56 -38.15 14.07
N LEU D 39 -28.49 -38.67 14.65
CA LEU D 39 -27.14 -38.13 14.46
C LEU D 39 -26.17 -39.29 14.29
N PRO D 40 -25.95 -39.75 13.07
CA PRO D 40 -24.94 -40.78 12.83
C PRO D 40 -23.53 -40.21 12.86
N TYR D 41 -22.58 -41.08 13.18
CA TYR D 41 -21.17 -40.74 13.16
C TYR D 41 -20.41 -41.83 12.41
N LYS D 42 -19.38 -41.43 11.66
CA LYS D 42 -18.62 -42.44 10.92
C LYS D 42 -17.86 -43.37 11.84
N PHE D 43 -17.29 -42.85 12.93
CA PHE D 43 -16.39 -43.60 13.79
C PHE D 43 -16.79 -43.56 15.26
N LEU D 44 -17.94 -42.99 15.58
CA LEU D 44 -18.46 -43.02 16.94
C LEU D 44 -19.82 -43.68 16.92
N ASP D 45 -20.35 -43.97 18.10
CA ASP D 45 -21.69 -44.53 18.16
C ASP D 45 -22.71 -43.51 17.64
N ASN D 46 -23.66 -44.00 16.85
CA ASN D 46 -24.77 -43.16 16.42
C ASN D 46 -25.61 -42.76 17.62
N THR D 47 -26.23 -41.59 17.53
CA THR D 47 -26.95 -41.07 18.67
C THR D 47 -28.05 -40.13 18.15
N THR D 48 -28.58 -39.28 19.02
CA THR D 48 -29.49 -38.23 18.62
C THR D 48 -29.00 -36.90 19.19
N THR D 49 -29.50 -35.79 18.63
CA THR D 49 -29.01 -34.48 19.02
C THR D 49 -29.39 -34.15 20.46
N LYS D 50 -28.43 -33.59 21.20
CA LYS D 50 -28.68 -33.12 22.56
C LYS D 50 -29.33 -31.74 22.58
N LYS D 51 -29.12 -30.94 21.53
CA LYS D 51 -29.54 -29.54 21.50
C LYS D 51 -29.99 -29.18 20.10
N ALA D 52 -30.85 -28.15 20.02
CA ALA D 52 -31.19 -27.59 18.73
C ALA D 52 -30.06 -26.69 18.25
N VAL D 53 -29.82 -26.69 16.94
CA VAL D 53 -28.85 -25.79 16.34
C VAL D 53 -29.45 -25.18 15.07
N ILE D 54 -28.91 -24.02 14.69
CA ILE D 54 -29.34 -23.29 13.52
C ILE D 54 -28.10 -22.87 12.74
N GLY D 55 -28.22 -22.80 11.42
CA GLY D 55 -27.10 -22.34 10.63
C GLY D 55 -27.39 -22.48 9.15
N MET D 56 -26.37 -22.15 8.35
CA MET D 56 -26.43 -22.30 6.91
C MET D 56 -25.81 -23.63 6.50
N GLY D 57 -26.50 -24.35 5.63
CA GLY D 57 -25.94 -25.61 5.18
C GLY D 57 -26.74 -26.27 4.09
N ILE D 58 -26.50 -27.57 3.96
CA ILE D 58 -27.10 -28.38 2.92
C ILE D 58 -27.45 -29.75 3.53
N VAL D 59 -28.66 -30.22 3.26
CA VAL D 59 -29.11 -31.51 3.78
C VAL D 59 -28.70 -32.61 2.81
N VAL D 60 -28.00 -33.62 3.31
CA VAL D 60 -27.53 -34.75 2.51
C VAL D 60 -28.10 -36.00 3.17
N ASP D 61 -29.13 -36.58 2.55
CA ASP D 61 -29.76 -37.82 3.03
C ASP D 61 -30.14 -37.70 4.50
N GLY D 62 -30.86 -36.64 4.84
CA GLY D 62 -31.27 -36.40 6.20
C GLY D 62 -30.20 -35.82 7.13
N TYR D 63 -28.95 -35.70 6.67
CA TYR D 63 -27.89 -35.14 7.51
C TYR D 63 -27.69 -33.67 7.20
N PRO D 64 -27.84 -32.77 8.18
CA PRO D 64 -27.61 -31.34 7.93
C PRO D 64 -26.13 -31.02 7.99
N SER D 65 -25.52 -30.78 6.82
CA SER D 65 -24.11 -30.41 6.69
C SER D 65 -23.97 -28.89 6.70
N TYR D 66 -23.39 -28.35 7.76
CA TYR D 66 -23.39 -26.91 8.03
C TYR D 66 -22.10 -26.24 7.56
N PHE D 67 -22.26 -25.06 6.94
CA PHE D 67 -21.14 -24.13 6.75
C PHE D 67 -20.81 -23.41 8.06
N ASP D 68 -21.83 -23.12 8.85
CA ASP D 68 -21.72 -22.56 10.19
C ASP D 68 -22.93 -23.02 10.98
N CYS D 69 -22.75 -23.38 12.24
CA CYS D 69 -23.92 -23.71 13.06
C CYS D 69 -23.70 -23.24 14.49
N PHE D 70 -24.82 -23.00 15.13
CA PHE D 70 -24.89 -22.34 16.42
C PHE D 70 -25.93 -23.07 17.26
N ASN D 71 -25.59 -23.41 18.50
CA ASN D 71 -26.52 -24.17 19.32
C ASN D 71 -27.30 -23.25 20.24
N GLU D 72 -28.38 -23.80 20.79
CA GLU D 72 -29.32 -23.04 21.59
C GLU D 72 -28.70 -22.50 22.88
N ASP D 73 -27.51 -22.97 23.25
CA ASP D 73 -26.84 -22.51 24.45
C ASP D 73 -25.74 -21.49 24.16
N GLY D 74 -25.63 -21.00 22.93
CA GLY D 74 -24.75 -19.89 22.63
C GLY D 74 -23.35 -20.23 22.19
N LEU D 75 -23.07 -21.48 21.83
CA LEU D 75 -21.79 -21.92 21.28
C LEU D 75 -21.96 -22.17 19.78
N GLY D 76 -20.99 -21.70 18.99
CA GLY D 76 -21.09 -21.83 17.56
C GLY D 76 -19.75 -22.16 16.93
N ILE D 77 -19.81 -22.51 15.64
CA ILE D 77 -18.60 -22.88 14.90
C ILE D 77 -18.83 -22.53 13.44
N ALA D 78 -17.75 -22.10 12.77
CA ALA D 78 -17.79 -21.83 11.34
C ALA D 78 -16.57 -22.46 10.68
N GLY D 79 -16.80 -23.14 9.56
CA GLY D 79 -15.73 -23.69 8.76
C GLY D 79 -15.41 -22.79 7.59
N LEU D 80 -14.14 -22.39 7.50
CA LEU D 80 -13.66 -21.49 6.43
C LEU D 80 -12.60 -22.19 5.61
N ASN D 81 -12.46 -21.76 4.35
CA ASN D 81 -11.47 -22.36 3.46
C ASN D 81 -10.06 -22.19 4.02
N PHE D 82 -9.23 -23.24 3.88
CA PHE D 82 -7.86 -23.29 4.40
C PHE D 82 -6.99 -24.02 3.38
N PRO D 83 -6.99 -23.58 2.12
CA PRO D 83 -6.30 -24.33 1.08
C PRO D 83 -4.78 -24.25 1.25
N HIS D 84 -4.10 -25.25 0.69
CA HIS D 84 -2.66 -25.38 0.74
C HIS D 84 -2.16 -25.67 2.16
N PHE D 85 -3.06 -25.85 3.10
CA PHE D 85 -2.67 -26.12 4.48
C PHE D 85 -3.40 -27.31 5.06
N ALA D 86 -4.74 -27.27 5.02
CA ALA D 86 -5.56 -28.28 5.68
C ALA D 86 -5.17 -29.68 5.23
N LYS D 87 -5.01 -30.57 6.20
CA LYS D 87 -4.76 -31.97 5.86
C LYS D 87 -5.20 -32.80 7.04
N PHE D 88 -6.13 -33.72 6.79
CA PHE D 88 -6.71 -34.56 7.84
C PHE D 88 -6.11 -35.96 7.75
N SER D 89 -6.37 -36.77 8.77
CA SER D 89 -5.66 -38.04 8.85
C SER D 89 -6.18 -39.03 7.80
N ASP D 90 -5.27 -39.88 7.36
CA ASP D 90 -5.58 -40.99 6.47
C ASP D 90 -6.22 -42.08 7.33
N GLY D 91 -7.55 -42.05 7.47
CA GLY D 91 -8.25 -43.01 8.30
C GLY D 91 -8.22 -42.69 9.79
N PRO D 92 -9.03 -43.40 10.58
CA PRO D 92 -9.10 -43.14 12.02
C PRO D 92 -7.87 -43.66 12.75
N ILE D 93 -7.67 -43.14 13.96
CA ILE D 93 -6.53 -43.47 14.80
C ILE D 93 -7.02 -44.02 16.13
N ASP D 94 -6.47 -45.14 16.56
CA ASP D 94 -6.95 -45.74 17.79
C ASP D 94 -6.53 -44.90 18.99
N GLY D 95 -7.40 -44.85 20.00
CA GLY D 95 -7.16 -44.01 21.15
C GLY D 95 -7.70 -42.60 21.04
N LYS D 96 -8.16 -42.19 19.86
CA LYS D 96 -8.65 -40.84 19.65
C LYS D 96 -10.16 -40.84 19.44
N ILE D 97 -10.76 -39.68 19.66
CA ILE D 97 -12.11 -39.41 19.19
C ILE D 97 -11.98 -39.07 17.71
N ASN D 98 -12.37 -40.00 16.84
CA ASN D 98 -12.20 -39.80 15.40
C ASN D 98 -13.44 -39.19 14.77
N LEU D 99 -13.24 -38.08 14.06
CA LEU D 99 -14.29 -37.38 13.36
C LEU D 99 -13.87 -37.21 11.90
N ALA D 100 -14.73 -37.62 10.98
CA ALA D 100 -14.64 -37.08 9.64
C ALA D 100 -14.72 -35.56 9.74
N SER D 101 -13.87 -34.86 8.97
CA SER D 101 -13.73 -33.42 9.20
C SER D 101 -15.08 -32.70 9.18
N TYR D 102 -16.00 -33.11 8.29
CA TYR D 102 -17.29 -32.44 8.28
C TYR D 102 -18.07 -32.65 9.58
N GLU D 103 -17.76 -33.70 10.34
CA GLU D 103 -18.52 -34.01 11.53
C GLU D 103 -18.21 -33.09 12.70
N ILE D 104 -17.10 -32.33 12.64
CA ILE D 104 -16.76 -31.44 13.74
C ILE D 104 -17.88 -30.43 13.99
N MET D 105 -18.64 -30.10 12.94
CA MET D 105 -19.65 -29.04 13.08
C MET D 105 -20.69 -29.41 14.14
N LEU D 106 -21.33 -30.57 13.98
CA LEU D 106 -22.32 -30.97 14.98
C LEU D 106 -21.67 -31.54 16.24
N TRP D 107 -20.48 -32.11 16.15
CA TRP D 107 -19.88 -32.66 17.36
C TRP D 107 -19.60 -31.55 18.37
N VAL D 108 -19.12 -30.40 17.89
CA VAL D 108 -18.84 -29.29 18.78
C VAL D 108 -20.14 -28.71 19.33
N THR D 109 -21.11 -28.43 18.45
CA THR D 109 -22.32 -27.75 18.90
C THR D 109 -23.29 -28.67 19.63
N GLN D 110 -23.21 -29.98 19.40
CA GLN D 110 -24.10 -30.88 20.13
C GLN D 110 -23.62 -31.14 21.54
N ASN D 111 -22.31 -31.20 21.75
CA ASN D 111 -21.75 -31.78 22.95
C ASN D 111 -21.27 -30.77 23.99
N PHE D 112 -21.20 -29.48 23.64
CA PHE D 112 -20.54 -28.51 24.50
C PHE D 112 -21.34 -27.23 24.58
N THR D 113 -21.17 -26.55 25.72
CA THR D 113 -21.69 -25.21 25.99
C THR D 113 -20.58 -24.18 26.14
N LYS D 114 -19.44 -24.56 26.72
CA LYS D 114 -18.33 -23.67 26.97
C LYS D 114 -17.16 -24.01 26.06
N VAL D 115 -16.50 -22.97 25.54
CA VAL D 115 -15.33 -23.17 24.70
C VAL D 115 -14.17 -23.77 25.51
N SER D 116 -14.10 -23.48 26.82
CA SER D 116 -13.06 -24.09 27.65
C SER D 116 -13.16 -25.61 27.61
N ASP D 117 -14.37 -26.14 27.63
CA ASP D 117 -14.54 -27.59 27.59
C ASP D 117 -14.23 -28.14 26.20
N VAL D 118 -14.56 -27.39 25.15
CA VAL D 118 -14.20 -27.81 23.78
C VAL D 118 -12.68 -27.93 23.65
N LYS D 119 -11.95 -26.91 24.12
CA LYS D 119 -10.50 -26.90 24.04
C LYS D 119 -9.90 -28.14 24.72
N GLU D 120 -10.38 -28.45 25.92
CA GLU D 120 -9.91 -29.64 26.62
C GLU D 120 -10.21 -30.91 25.83
N ALA D 121 -11.42 -31.01 25.26
CA ALA D 121 -11.81 -32.21 24.53
C ALA D 121 -11.03 -32.38 23.24
N LEU D 122 -10.70 -31.26 22.56
CA LEU D 122 -9.94 -31.35 21.32
C LEU D 122 -8.58 -32.02 21.50
N LYS D 123 -8.04 -32.03 22.71
CA LYS D 123 -6.77 -32.72 22.95
C LYS D 123 -6.82 -34.19 22.56
N ASN D 124 -8.02 -34.77 22.41
CA ASN D 124 -8.13 -36.18 22.08
C ASN D 124 -8.89 -36.40 20.78
N VAL D 125 -9.07 -35.37 19.97
CA VAL D 125 -9.78 -35.47 18.71
C VAL D 125 -8.80 -35.71 17.58
N ASN D 126 -9.17 -36.56 16.64
CA ASN D 126 -8.44 -36.74 15.39
C ASN D 126 -9.41 -36.54 14.24
N LEU D 127 -9.07 -35.60 13.34
CA LEU D 127 -9.91 -35.33 12.17
C LEU D 127 -9.46 -36.21 11.02
N VAL D 128 -10.44 -36.84 10.37
CA VAL D 128 -10.19 -37.84 9.33
C VAL D 128 -10.57 -37.27 7.97
N ASN D 129 -9.81 -37.69 6.95
CA ASN D 129 -9.99 -37.23 5.57
C ASN D 129 -11.05 -38.11 4.88
N GLU D 130 -12.31 -37.80 5.15
CA GLU D 130 -13.40 -38.59 4.59
C GLU D 130 -14.66 -37.74 4.52
N ALA D 131 -15.37 -37.81 3.40
CA ALA D 131 -16.60 -37.04 3.23
C ALA D 131 -17.82 -37.87 3.64
N ILE D 132 -18.99 -37.24 3.61
CA ILE D 132 -20.20 -37.93 4.07
C ILE D 132 -20.49 -39.14 3.20
N ASN D 133 -20.26 -39.03 1.90
CA ASN D 133 -20.34 -40.16 0.98
C ASN D 133 -19.54 -39.83 -0.28
N SER D 134 -19.48 -40.79 -1.20
CA SER D 134 -18.61 -40.72 -2.36
C SER D 134 -18.96 -39.58 -3.31
N SER D 135 -20.15 -38.98 -3.17
CA SER D 135 -20.57 -37.93 -4.08
C SER D 135 -19.93 -36.57 -3.75
N PHE D 136 -19.20 -36.47 -2.64
CA PHE D 136 -18.61 -35.22 -2.19
C PHE D 136 -17.11 -35.38 -2.00
N ALA D 137 -16.36 -34.32 -2.31
CA ALA D 137 -14.96 -34.20 -1.94
C ALA D 137 -14.85 -33.64 -0.53
N VAL D 138 -13.67 -33.82 0.08
CA VAL D 138 -13.40 -33.24 1.39
C VAL D 138 -12.92 -31.80 1.21
N ALA D 139 -13.55 -30.88 1.92
CA ALA D 139 -13.15 -29.49 1.81
C ALA D 139 -11.97 -29.20 2.74
N PRO D 140 -10.97 -28.48 2.26
CA PRO D 140 -9.84 -28.12 3.14
C PRO D 140 -10.20 -26.95 4.05
N LEU D 141 -10.67 -27.24 5.26
CA LEU D 141 -11.23 -26.21 6.13
C LEU D 141 -10.38 -25.99 7.37
N HIS D 142 -10.52 -24.81 7.96
CA HIS D 142 -10.21 -24.59 9.36
C HIS D 142 -11.41 -23.94 9.99
N TRP D 143 -11.41 -23.88 11.32
CA TRP D 143 -12.63 -23.54 12.05
C TRP D 143 -12.39 -22.44 13.08
N ILE D 144 -13.38 -21.58 13.23
CA ILE D 144 -13.47 -20.68 14.37
C ILE D 144 -14.63 -21.14 15.24
N ILE D 145 -14.38 -21.25 16.54
CA ILE D 145 -15.36 -21.69 17.51
C ILE D 145 -15.46 -20.61 18.58
N SER D 146 -16.69 -20.28 19.00
CA SER D 146 -16.81 -19.20 19.98
C SER D 146 -18.02 -19.38 20.90
N ASP D 147 -17.85 -18.96 22.15
CA ASP D 147 -18.97 -18.66 23.03
C ASP D 147 -18.85 -17.20 23.45
N LYS D 148 -19.60 -16.81 24.49
CA LYS D 148 -19.61 -15.43 24.95
C LYS D 148 -18.27 -15.01 25.57
N ASP D 149 -17.44 -15.96 25.98
CA ASP D 149 -16.20 -15.67 26.71
C ASP D 149 -14.96 -15.70 25.82
N GLU D 150 -14.90 -16.62 24.88
CA GLU D 150 -13.65 -16.89 24.19
C GLU D 150 -13.94 -17.44 22.80
N ALA D 151 -13.08 -17.07 21.86
CA ALA D 151 -13.05 -17.69 20.54
C ALA D 151 -11.74 -18.45 20.38
N ILE D 152 -11.81 -19.64 19.78
CA ILE D 152 -10.61 -20.41 19.48
C ILE D 152 -10.60 -20.73 17.99
N ILE D 153 -9.39 -20.97 17.49
CA ILE D 153 -9.18 -21.37 16.10
C ILE D 153 -8.66 -22.80 16.11
N VAL D 154 -9.23 -23.65 15.26
CA VAL D 154 -8.77 -25.03 15.10
C VAL D 154 -8.22 -25.16 13.69
N GLU D 155 -6.97 -25.61 13.59
CA GLU D 155 -6.30 -25.78 12.31
C GLU D 155 -5.55 -27.09 12.35
N VAL D 156 -5.75 -27.93 11.34
CA VAL D 156 -5.04 -29.20 11.19
C VAL D 156 -4.38 -29.17 9.83
N SER D 157 -3.05 -29.11 9.80
CA SER D 157 -2.31 -28.84 8.58
C SER D 157 -1.24 -29.89 8.34
N LYS D 158 -0.88 -30.05 7.06
CA LYS D 158 0.30 -30.84 6.74
C LYS D 158 1.53 -30.26 7.40
N GLN D 159 1.61 -28.92 7.49
CA GLN D 159 2.82 -28.28 8.00
C GLN D 159 2.99 -28.46 9.51
N TYR D 160 1.90 -28.34 10.28
CA TYR D 160 2.03 -28.25 11.74
C TYR D 160 1.16 -29.23 12.51
N GLY D 161 0.41 -30.09 11.85
CA GLY D 161 -0.49 -30.94 12.62
C GLY D 161 -1.61 -30.11 13.22
N MET D 162 -2.14 -30.59 14.33
CA MET D 162 -3.30 -29.96 14.95
C MET D 162 -2.85 -28.88 15.93
N LYS D 163 -3.40 -27.68 15.75
CA LYS D 163 -3.12 -26.54 16.61
C LYS D 163 -4.44 -25.90 17.02
N VAL D 164 -4.49 -25.41 18.26
CA VAL D 164 -5.65 -24.69 18.77
C VAL D 164 -5.14 -23.37 19.35
N PHE D 165 -5.71 -22.26 18.90
CA PHE D 165 -5.27 -20.93 19.30
C PHE D 165 -6.40 -20.18 19.98
N ASP D 166 -6.06 -19.38 20.97
CA ASP D 166 -6.95 -18.34 21.46
C ASP D 166 -7.01 -17.18 20.45
N ASP D 167 -8.22 -16.74 20.10
CA ASP D 167 -8.39 -15.68 19.10
C ASP D 167 -9.02 -14.47 19.77
N LYS D 168 -8.18 -13.63 20.40
CA LYS D 168 -8.67 -12.42 21.03
C LYS D 168 -9.09 -11.38 20.00
N LEU D 169 -8.60 -11.47 18.76
CA LEU D 169 -9.03 -10.55 17.71
C LEU D 169 -10.48 -10.81 17.32
N GLY D 170 -10.96 -12.03 17.50
CA GLY D 170 -12.32 -12.35 17.11
C GLY D 170 -12.54 -12.50 15.62
N VAL D 171 -11.49 -12.73 14.84
CA VAL D 171 -11.62 -12.82 13.39
C VAL D 171 -10.84 -14.02 12.87
N LEU D 172 -11.23 -14.47 11.68
CA LEU D 172 -10.51 -15.49 10.95
C LEU D 172 -10.79 -15.27 9.48
N THR D 173 -9.81 -15.53 8.62
CA THR D 173 -10.06 -15.50 7.18
C THR D 173 -9.59 -16.84 6.62
N ASN D 174 -8.69 -16.83 5.64
CA ASN D 174 -8.22 -18.08 5.04
C ASN D 174 -6.70 -18.21 5.21
N SER D 175 -6.01 -18.80 4.25
CA SER D 175 -4.61 -19.16 4.47
C SER D 175 -3.70 -17.94 4.34
N PRO D 176 -2.49 -18.01 4.91
CA PRO D 176 -1.92 -19.16 5.63
C PRO D 176 -2.43 -19.32 7.07
N ASP D 177 -1.61 -19.97 7.88
CA ASP D 177 -2.02 -20.44 9.20
C ASP D 177 -2.21 -19.26 10.16
N PHE D 178 -2.90 -19.54 11.28
CA PHE D 178 -3.32 -18.46 12.18
C PHE D 178 -2.12 -17.71 12.77
N ASN D 179 -1.09 -18.45 13.21
CA ASN D 179 0.04 -17.76 13.82
C ASN D 179 0.76 -16.84 12.82
N TRP D 180 0.80 -17.24 11.54
CA TRP D 180 1.35 -16.36 10.51
C TRP D 180 0.61 -15.02 10.48
N HIS D 181 -0.73 -15.06 10.53
CA HIS D 181 -1.53 -13.84 10.48
C HIS D 181 -1.31 -12.98 11.73
N LEU D 182 -1.39 -13.60 12.91
CA LEU D 182 -1.08 -12.89 14.14
C LEU D 182 0.26 -12.18 14.04
N THR D 183 1.27 -12.87 13.51
CA THR D 183 2.61 -12.29 13.38
C THR D 183 2.58 -11.13 12.40
N ASN D 184 1.78 -11.25 11.33
CA ASN D 184 1.64 -10.19 10.35
C ASN D 184 1.15 -8.89 10.97
N LEU D 185 0.33 -8.99 12.03
CA LEU D 185 -0.27 -7.79 12.59
C LEU D 185 0.79 -6.81 13.10
N GLY D 186 1.93 -7.33 13.57
CA GLY D 186 2.97 -6.45 14.05
C GLY D 186 3.49 -5.51 13.00
N ASN D 187 3.39 -5.90 11.72
CA ASN D 187 3.81 -5.02 10.65
C ASN D 187 2.80 -3.90 10.37
N TYR D 188 1.63 -3.91 11.01
CA TYR D 188 0.62 -2.88 10.80
C TYR D 188 0.43 -2.00 12.02
N THR D 189 1.39 -1.97 12.93
CA THR D 189 1.25 -1.16 14.13
C THR D 189 1.23 0.33 13.80
N GLY D 190 1.67 0.73 12.61
CA GLY D 190 1.55 2.11 12.17
C GLY D 190 0.11 2.57 12.00
N LEU D 191 -0.85 1.64 11.91
CA LEU D 191 -2.25 2.03 11.74
C LEU D 191 -2.74 2.78 12.97
N ASP D 192 -3.48 3.87 12.73
CA ASP D 192 -3.97 4.69 13.82
C ASP D 192 -5.33 5.27 13.44
N PRO D 193 -6.40 5.00 14.20
CA PRO D 193 -7.71 5.59 13.85
C PRO D 193 -7.71 7.11 13.86
N HIS D 194 -6.77 7.75 14.57
CA HIS D 194 -6.76 9.20 14.70
C HIS D 194 -6.19 9.83 13.43
N ASP D 195 -6.90 10.83 12.93
CA ASP D 195 -6.48 11.54 11.73
C ASP D 195 -5.11 12.16 11.93
N ALA D 196 -4.34 12.23 10.86
CA ALA D 196 -3.19 13.12 10.82
C ALA D 196 -3.66 14.57 10.79
N THR D 197 -2.72 15.47 11.00
CA THR D 197 -3.00 16.89 11.06
C THR D 197 -2.02 17.63 10.15
N ALA D 198 -2.27 18.93 9.93
CA ALA D 198 -1.47 19.71 8.98
C ALA D 198 0.02 19.65 9.35
N GLN D 199 0.85 19.48 8.34
CA GLN D 199 2.28 19.38 8.52
C GLN D 199 3.01 20.40 7.66
N SER D 200 4.26 20.69 8.04
CA SER D 200 5.14 21.57 7.28
C SER D 200 6.29 20.73 6.73
N TRP D 201 6.29 20.52 5.42
CA TRP D 201 7.38 19.82 4.74
C TRP D 201 8.29 20.91 4.18
N ASN D 202 9.32 21.27 4.95
CA ASN D 202 10.23 22.36 4.59
C ASN D 202 9.46 23.63 4.24
N GLY D 203 8.46 23.97 5.05
CA GLY D 203 7.67 25.16 4.81
C GLY D 203 6.50 24.98 3.87
N GLN D 204 6.42 23.87 3.15
CA GLN D 204 5.25 23.58 2.33
C GLN D 204 4.16 23.00 3.22
N LYS D 205 3.00 23.63 3.25
CA LYS D 205 1.89 23.07 4.03
C LYS D 205 1.41 21.79 3.36
N VAL D 206 1.42 20.71 4.12
CA VAL D 206 0.92 19.41 3.67
C VAL D 206 -0.10 18.96 4.69
N ALA D 207 -1.38 18.93 4.29
CA ALA D 207 -2.47 18.70 5.22
C ALA D 207 -3.48 17.74 4.60
N PRO D 208 -4.21 16.99 5.42
CA PRO D 208 -5.21 16.07 4.89
C PRO D 208 -6.30 16.81 4.10
N TRP D 209 -6.78 16.15 3.04
CA TRP D 209 -7.93 16.63 2.27
C TRP D 209 -9.25 16.19 2.87
N GLY D 210 -9.25 15.09 3.62
CA GLY D 210 -10.43 14.63 4.32
C GLY D 210 -9.99 13.76 5.47
N VAL D 211 -10.98 13.20 6.17
CA VAL D 211 -10.69 12.33 7.30
C VAL D 211 -10.23 10.96 6.79
N GLY D 212 -9.57 10.21 7.68
CA GLY D 212 -9.14 8.86 7.37
C GLY D 212 -7.65 8.68 7.22
N THR D 213 -6.87 9.77 7.31
CA THR D 213 -5.44 9.71 6.98
C THR D 213 -4.63 8.82 7.91
N GLY D 214 -5.08 8.61 9.15
CA GLY D 214 -4.32 7.79 10.08
C GLY D 214 -4.19 6.34 9.66
N SER D 215 -5.14 5.82 8.87
CA SER D 215 -5.12 4.42 8.47
C SER D 215 -4.43 4.20 7.11
N LEU D 216 -3.59 5.15 6.68
CA LEU D 216 -2.70 4.94 5.54
C LEU D 216 -2.06 3.56 5.56
N GLY D 217 -2.07 2.88 4.41
CA GLY D 217 -1.53 1.54 4.32
C GLY D 217 -2.49 0.41 4.67
N LEU D 218 -3.69 0.71 5.10
CA LEU D 218 -4.65 -0.37 5.38
C LEU D 218 -5.07 -1.00 4.06
N PRO D 219 -4.89 -2.30 3.88
CA PRO D 219 -5.15 -2.91 2.57
C PRO D 219 -6.63 -3.10 2.31
N GLY D 220 -7.03 -2.94 1.05
CA GLY D 220 -8.45 -3.05 0.70
C GLY D 220 -8.83 -4.16 -0.27
N ASP D 221 -7.84 -4.94 -0.69
CA ASP D 221 -8.04 -6.09 -1.54
C ASP D 221 -8.50 -7.29 -0.72
N SER D 222 -8.75 -8.41 -1.40
CA SER D 222 -9.37 -9.59 -0.81
C SER D 222 -8.38 -10.70 -0.50
N ILE D 223 -7.07 -10.46 -0.64
CA ILE D 223 -6.09 -11.46 -0.23
C ILE D 223 -6.40 -11.82 1.23
N PRO D 224 -6.38 -13.10 1.61
CA PRO D 224 -6.79 -13.45 2.99
C PRO D 224 -6.01 -12.70 4.06
N ALA D 225 -4.69 -12.55 3.92
CA ALA D 225 -3.92 -11.81 4.92
C ALA D 225 -4.37 -10.36 5.03
N ASP D 226 -4.78 -9.76 3.90
CA ASP D 226 -5.21 -8.36 3.94
C ASP D 226 -6.56 -8.21 4.60
N ARG D 227 -7.53 -9.06 4.24
CA ARG D 227 -8.82 -9.05 4.94
C ARG D 227 -8.66 -9.36 6.42
N PHE D 228 -7.70 -10.22 6.77
CA PHE D 228 -7.48 -10.50 8.19
C PHE D 228 -7.05 -9.24 8.93
N VAL D 229 -6.06 -8.51 8.40
CA VAL D 229 -5.62 -7.28 9.02
C VAL D 229 -6.79 -6.29 9.15
N LYS D 230 -7.52 -6.09 8.07
CA LYS D 230 -8.60 -5.10 8.12
C LYS D 230 -9.70 -5.53 9.08
N ALA D 231 -10.11 -6.80 9.03
CA ALA D 231 -11.17 -7.28 9.91
C ALA D 231 -10.76 -7.16 11.38
N ALA D 232 -9.52 -7.58 11.71
CA ALA D 232 -9.01 -7.44 13.07
C ALA D 232 -9.00 -5.99 13.51
N TYR D 233 -8.40 -5.13 12.68
CA TYR D 233 -8.37 -3.70 12.97
C TYR D 233 -9.77 -3.12 13.20
N LEU D 234 -10.71 -3.42 12.31
CA LEU D 234 -12.07 -2.90 12.49
C LEU D 234 -12.71 -3.43 13.77
N ASN D 235 -12.55 -4.72 14.06
CA ASN D 235 -13.25 -5.30 15.20
C ASN D 235 -12.74 -4.71 16.52
N VAL D 236 -11.42 -4.62 16.69
CA VAL D 236 -10.94 -4.18 17.99
C VAL D 236 -11.21 -2.69 18.21
N ASN D 237 -11.30 -1.90 17.14
CA ASN D 237 -11.57 -0.47 17.28
C ASN D 237 -13.05 -0.09 17.22
N TYR D 238 -13.93 -0.98 16.81
CA TYR D 238 -15.35 -0.66 16.83
C TYR D 238 -15.83 -0.60 18.29
N PRO D 239 -16.49 0.48 18.70
CA PRO D 239 -16.94 0.59 20.09
C PRO D 239 -17.99 -0.45 20.43
N THR D 240 -18.12 -0.74 21.73
CA THR D 240 -19.22 -1.56 22.19
C THR D 240 -20.53 -0.79 22.06
N VAL D 241 -21.54 -1.41 21.47
CA VAL D 241 -22.83 -0.77 21.26
C VAL D 241 -23.90 -1.50 22.05
N LYS D 242 -25.06 -0.86 22.19
CA LYS D 242 -26.13 -1.33 23.09
C LYS D 242 -27.32 -1.83 22.28
N GLY D 243 -27.77 -3.04 22.58
CA GLY D 243 -29.04 -3.53 22.08
C GLY D 243 -28.90 -4.37 20.82
N GLU D 244 -29.94 -5.17 20.55
CA GLU D 244 -29.88 -6.17 19.48
C GLU D 244 -29.71 -5.53 18.10
N LYS D 245 -30.55 -4.54 17.78
CA LYS D 245 -30.47 -3.90 16.46
C LYS D 245 -29.09 -3.29 16.20
N ALA D 246 -28.56 -2.55 17.17
CA ALA D 246 -27.28 -1.89 16.95
C ALA D 246 -26.14 -2.89 16.85
N ASN D 247 -26.21 -3.99 17.62
CA ASN D 247 -25.12 -4.96 17.58
C ASN D 247 -25.14 -5.75 16.28
N VAL D 248 -26.33 -6.16 15.82
CA VAL D 248 -26.45 -6.82 14.53
C VAL D 248 -25.98 -5.90 13.41
N ALA D 249 -26.33 -4.61 13.49
CA ALA D 249 -25.90 -3.67 12.46
C ALA D 249 -24.39 -3.49 12.48
N LYS D 250 -23.82 -3.29 13.67
CA LYS D 250 -22.36 -3.26 13.81
C LYS D 250 -21.74 -4.49 13.18
N PHE D 251 -22.35 -5.66 13.38
CA PHE D 251 -21.77 -6.90 12.86
C PHE D 251 -21.76 -6.88 11.33
N PHE D 252 -22.88 -6.50 10.72
CA PHE D 252 -22.93 -6.44 9.26
C PHE D 252 -22.09 -5.29 8.71
N ASN D 253 -21.97 -4.19 9.46
CA ASN D 253 -21.09 -3.10 9.02
C ASN D 253 -19.67 -3.59 8.82
N ILE D 254 -19.17 -4.39 9.77
CA ILE D 254 -17.78 -4.84 9.69
C ILE D 254 -17.60 -5.86 8.57
N LEU D 255 -18.48 -6.89 8.51
CA LEU D 255 -18.27 -7.94 7.53
C LEU D 255 -18.55 -7.46 6.10
N LYS D 256 -19.52 -6.55 5.92
CA LYS D 256 -19.72 -6.01 4.57
C LYS D 256 -18.57 -5.10 4.16
N SER D 257 -17.88 -4.50 5.13
CA SER D 257 -16.67 -3.73 4.82
C SER D 257 -15.61 -4.61 4.17
N VAL D 258 -15.44 -5.86 4.65
CA VAL D 258 -14.40 -6.75 4.14
C VAL D 258 -14.97 -7.82 3.20
N ALA D 259 -16.21 -7.62 2.73
CA ALA D 259 -16.77 -8.55 1.76
C ALA D 259 -15.93 -8.60 0.49
N MET D 260 -16.02 -9.72 -0.21
CA MET D 260 -15.38 -9.91 -1.50
C MET D 260 -16.43 -9.55 -2.56
N ILE D 261 -16.18 -8.48 -3.32
CA ILE D 261 -17.21 -7.87 -4.15
C ILE D 261 -17.20 -8.52 -5.54
N LYS D 262 -18.39 -8.90 -6.01
CA LYS D 262 -18.48 -9.62 -7.29
C LYS D 262 -17.88 -8.82 -8.43
N GLY D 263 -17.06 -9.51 -9.24
CA GLY D 263 -16.41 -8.90 -10.36
C GLY D 263 -15.02 -8.39 -10.09
N SER D 264 -14.66 -8.16 -8.82
CA SER D 264 -13.33 -7.69 -8.49
C SER D 264 -12.32 -8.81 -8.28
N VAL D 265 -12.76 -10.07 -8.25
CA VAL D 265 -11.88 -11.21 -8.01
C VAL D 265 -12.26 -12.32 -8.98
N VAL D 266 -11.33 -12.68 -9.86
CA VAL D 266 -11.51 -13.78 -10.79
C VAL D 266 -10.39 -14.78 -10.54
N ASN D 267 -10.74 -16.01 -10.15
CA ASN D 267 -9.71 -16.98 -9.85
C ASN D 267 -9.07 -17.49 -11.14
N LYS D 268 -8.06 -18.35 -10.98
CA LYS D 268 -7.25 -18.77 -12.12
C LYS D 268 -7.99 -19.73 -13.05
N LEU D 269 -9.12 -20.28 -12.60
CA LEU D 269 -10.00 -21.05 -13.47
C LEU D 269 -11.08 -20.19 -14.11
N GLY D 270 -10.96 -18.86 -14.04
CA GLY D 270 -11.90 -17.97 -14.70
C GLY D 270 -13.19 -17.73 -13.98
N SER D 271 -13.30 -18.12 -12.71
CA SER D 271 -14.53 -17.96 -11.95
C SER D 271 -14.47 -16.72 -11.06
N ASP D 272 -15.54 -15.91 -11.07
CA ASP D 272 -15.71 -14.87 -10.06
C ASP D 272 -15.79 -15.49 -8.66
N GLU D 273 -15.12 -14.87 -7.70
CA GLU D 273 -15.26 -15.22 -6.29
C GLU D 273 -15.79 -14.03 -5.51
N TYR D 274 -16.76 -14.25 -4.64
CA TYR D 274 -17.40 -13.13 -3.98
C TYR D 274 -18.18 -13.64 -2.78
N THR D 275 -18.55 -12.69 -1.92
CA THR D 275 -19.32 -13.02 -0.72
C THR D 275 -20.77 -13.32 -1.12
N VAL D 276 -21.16 -14.60 -1.02
CA VAL D 276 -22.51 -14.99 -1.43
C VAL D 276 -23.52 -14.72 -0.33
N TYR D 277 -23.10 -14.82 0.94
CA TYR D 277 -24.00 -14.44 2.02
C TYR D 277 -23.17 -13.96 3.21
N THR D 278 -23.83 -13.18 4.05
CA THR D 278 -23.31 -12.74 5.34
C THR D 278 -24.34 -13.15 6.40
N ALA D 279 -23.88 -13.76 7.49
CA ALA D 279 -24.81 -14.26 8.49
C ALA D 279 -24.31 -13.95 9.88
N CYS D 280 -25.23 -13.64 10.79
CA CYS D 280 -24.94 -13.32 12.17
C CYS D 280 -25.88 -14.09 13.09
N TYR D 281 -25.33 -14.82 14.05
CA TYR D 281 -26.13 -15.46 15.09
C TYR D 281 -26.09 -14.60 16.36
N SER D 282 -27.25 -14.20 16.84
CA SER D 282 -27.36 -13.51 18.12
C SER D 282 -27.74 -14.54 19.18
N ALA D 283 -26.81 -14.79 20.12
CA ALA D 283 -27.06 -15.79 21.15
C ALA D 283 -28.22 -15.37 22.06
N ALA D 284 -28.35 -14.06 22.33
CA ALA D 284 -29.37 -13.59 23.27
C ALA D 284 -30.78 -13.87 22.77
N THR D 285 -31.01 -13.71 21.48
CA THR D 285 -32.33 -13.91 20.89
C THR D 285 -32.43 -15.22 20.13
N LYS D 286 -31.35 -16.00 20.10
CA LYS D 286 -31.28 -17.27 19.35
C LYS D 286 -31.74 -17.07 17.91
N THR D 287 -31.28 -15.99 17.29
CA THR D 287 -31.74 -15.61 15.96
C THR D 287 -30.58 -15.60 14.99
N TYR D 288 -30.78 -16.27 13.86
CA TYR D 288 -29.84 -16.26 12.75
C TYR D 288 -30.30 -15.24 11.71
N TYR D 289 -29.50 -14.20 11.49
CA TYR D 289 -29.74 -13.18 10.47
C TYR D 289 -28.84 -13.44 9.27
N CYS D 290 -29.35 -13.18 8.07
CA CYS D 290 -28.48 -13.32 6.91
C CYS D 290 -28.99 -12.48 5.75
N ASN D 291 -28.09 -12.10 4.86
CA ASN D 291 -28.48 -11.60 3.56
C ASN D 291 -27.54 -12.20 2.53
N PHE D 292 -27.84 -11.95 1.25
CA PHE D 292 -27.19 -12.62 0.14
C PHE D 292 -26.73 -11.60 -0.89
N GLU D 293 -25.80 -12.04 -1.73
CA GLU D 293 -25.24 -11.14 -2.75
C GLU D 293 -26.33 -10.52 -3.60
N ASN D 294 -27.42 -11.24 -3.85
CA ASN D 294 -28.47 -10.75 -4.75
C ASN D 294 -29.76 -10.39 -4.01
N ASP D 295 -29.73 -10.31 -2.68
CA ASP D 295 -30.91 -9.90 -1.93
C ASP D 295 -30.42 -9.36 -0.58
N PHE D 296 -30.40 -8.04 -0.45
CA PHE D 296 -29.77 -7.39 0.68
C PHE D 296 -30.65 -7.34 1.94
N GLU D 297 -31.95 -7.60 1.82
CA GLU D 297 -32.84 -7.58 2.98
C GLU D 297 -32.40 -8.60 4.03
N LEU D 298 -32.42 -8.21 5.30
CA LEU D 298 -32.06 -9.13 6.36
C LEU D 298 -33.19 -10.12 6.57
N LYS D 299 -32.87 -11.40 6.50
CA LYS D 299 -33.81 -12.46 6.82
C LYS D 299 -33.51 -12.99 8.22
N THR D 300 -34.55 -13.40 8.94
CA THR D 300 -34.38 -13.86 10.31
C THR D 300 -35.03 -15.22 10.52
N TYR D 301 -34.32 -16.10 11.24
CA TYR D 301 -34.76 -17.44 11.57
C TYR D 301 -34.37 -17.70 13.00
N LYS D 302 -35.22 -18.39 13.77
CA LYS D 302 -35.04 -18.40 15.23
C LYS D 302 -35.23 -19.80 15.80
N LEU D 303 -34.38 -20.14 16.78
CA LEU D 303 -34.59 -21.29 17.65
C LEU D 303 -35.57 -20.90 18.74
N ASP D 304 -36.78 -21.44 18.71
CA ASP D 304 -37.76 -21.23 19.77
C ASP D 304 -38.45 -22.56 20.06
N ASP D 305 -39.48 -22.52 20.89
CA ASP D 305 -40.14 -23.77 21.30
C ASP D 305 -40.66 -24.52 20.09
N GLU D 306 -41.27 -23.83 19.13
CA GLU D 306 -41.75 -24.51 17.93
C GLU D 306 -40.61 -25.22 17.21
N THR D 307 -39.55 -24.47 16.86
CA THR D 307 -38.52 -25.05 16.00
C THR D 307 -37.57 -25.98 16.75
N MET D 308 -37.30 -25.73 18.03
CA MET D 308 -36.33 -26.57 18.73
C MET D 308 -36.88 -27.96 19.03
N ASN D 309 -38.21 -28.10 19.05
CA ASN D 309 -38.86 -29.35 19.40
C ASN D 309 -39.58 -29.98 18.20
N ALA D 310 -39.22 -29.56 16.99
CA ALA D 310 -39.79 -30.14 15.78
C ALA D 310 -39.39 -31.60 15.63
N ASP D 311 -40.09 -32.32 14.76
CA ASP D 311 -39.88 -33.74 14.54
C ASP D 311 -39.08 -34.02 13.26
N LYS D 312 -38.56 -32.98 12.60
CA LYS D 312 -37.80 -33.12 11.38
C LYS D 312 -36.92 -31.89 11.25
N LEU D 313 -35.96 -31.95 10.33
CA LEU D 313 -35.21 -30.74 10.00
C LEU D 313 -36.18 -29.69 9.48
N ILE D 314 -35.95 -28.44 9.84
CA ILE D 314 -36.72 -27.33 9.32
C ILE D 314 -35.83 -26.58 8.34
N THR D 315 -36.19 -26.59 7.06
CA THR D 315 -35.44 -25.88 6.03
C THR D 315 -36.28 -24.75 5.48
N TYR D 316 -35.60 -23.73 4.95
CA TYR D 316 -36.29 -22.51 4.54
C TYR D 316 -36.06 -22.18 3.07
C1 TAU E . 7.30 7.40 -19.99
C2 TAU E . 7.59 6.84 -18.60
N1 TAU E . 5.97 6.97 -20.42
S TAU E . 8.52 8.01 -17.59
O1 TAU E . 8.15 7.84 -16.14
O2 TAU E . 10.02 7.87 -17.80
O3 TAU E . 8.11 9.44 -17.81
H1C1 TAU E . 7.97 7.08 -20.62
H1C2 TAU E . 7.32 8.38 -19.96
H2C1 TAU E . 8.09 6.02 -18.70
H2C2 TAU E . 6.73 6.65 -18.16
H1N1 TAU E . 5.73 6.25 -19.94
H1N2 TAU E . 6.00 6.76 -21.28
C1 TAU F . 15.08 -4.10 16.01
C2 TAU F . 14.87 -3.22 14.78
N1 TAU F . 14.27 -3.54 17.08
S TAU F . 15.62 -3.94 13.29
O1 TAU F . 16.04 -5.36 13.49
O2 TAU F . 16.92 -3.28 12.93
O3 TAU F . 14.62 -3.84 12.17
H1C1 TAU F . 14.80 -5.00 15.82
H1C2 TAU F . 16.01 -4.09 16.26
H2C1 TAU F . 13.92 -3.12 14.62
H2C2 TAU F . 15.28 -2.36 14.94
H1N1 TAU F . 14.60 -2.75 17.33
H1N2 TAU F . 13.43 -3.45 16.82
K K G . 19.69 33.69 -34.14
C1 TAU H . -8.75 -20.41 -2.64
C2 TAU H . -8.66 -18.94 -2.26
N1 TAU H . -7.55 -20.75 -3.40
S TAU H . -9.68 -18.57 -0.82
O1 TAU H . -11.14 -18.75 -1.13
O2 TAU H . -9.65 -17.14 -0.41
O3 TAU H . -9.32 -19.46 0.34
H1C1 TAU H . -9.53 -20.56 -3.18
H1C2 TAU H . -8.79 -20.95 -1.84
H2C1 TAU H . -7.73 -18.71 -2.06
H2C2 TAU H . -8.96 -18.39 -3.01
H1N1 TAU H . -7.11 -20.01 -3.61
H1N2 TAU H . -7.02 -21.27 -2.89
C1 TAU I . -13.56 16.70 6.27
C2 TAU I . -13.31 15.23 5.98
N1 TAU I . -12.34 17.28 6.83
S TAU I . -14.44 14.44 4.80
O1 TAU I . -14.85 15.33 3.66
O2 TAU I . -13.80 13.24 4.21
O3 TAU I . -15.80 14.18 5.37
H1C1 TAU I . -14.28 16.79 6.90
H1C2 TAU I . -13.80 17.16 5.44
H2C1 TAU I . -13.38 14.74 6.82
H2C2 TAU I . -12.40 15.14 5.64
H1N1 TAU I . -11.90 17.72 6.19
H1N2 TAU I . -11.83 16.64 7.16
K K J . -21.52 -45.17 13.81
#